data_4I8P
#
_entry.id   4I8P
#
_cell.length_a   181.190
_cell.length_b   49.890
_cell.length_c   154.530
_cell.angle_alpha   90.00
_cell.angle_beta   124.15
_cell.angle_gamma   90.00
#
_symmetry.space_group_name_H-M   'C 1 2 1'
#
loop_
_entity.id
_entity.type
_entity.pdbx_description
1 polymer 'Aminoaldehyde dehydrogenase 1'
2 non-polymer NICOTINAMIDE-ADENINE-DINUCLEOTIDE
3 non-polymer 'SODIUM ION'
4 non-polymer GLYCEROL
5 non-polymer 1,2-ETHANEDIOL
6 non-polymer DI(HYDROXYETHYL)ETHER
7 water water
#
_entity_poly.entity_id   1
_entity_poly.type   'polypeptide(L)'
_entity_poly.pdbx_seq_one_letter_code
;MGSSHHHHHHSQDPNSASPAMVPLRQLFVDGEWRPPAQGRRLPVVNPTTEAHIGEIPAGTAEDVDAAVAAARAALKRNRG
RDWARAPGAVRAKYLRAIAAKVIERKPELAKLEALDCGKPYDEAAWDMDDVAGCFEYFADQAEALDKRQNSPVSLPMETF
KCHLRREPIGVVGLITPWNYPLLMATWKIAPALAAGCTAVLKPSELASVTCLELADICKEVGLPSGVLNIVTGLGPDAGA
PLSAHPDVDKVAFTGSFETGKKIMASAAPMVKPVTLELGGKSPIVVFDDVDIDKAVEWTLFGCFWTNGQICSATSRLLIH
TKIAKKFNERMVAWAKNIKVSDPLEEGCRLGPVVSEGQYEKIKKFISNAKSQGATILTGGVRPAHLEKGFFIEPTIITDI
TTSMEIWREEVFGPVLCVKEFSTEDEAIELANDTQYGLAGAVISGDRERCQRLSEEIDAGCIWVNCSQPCFCQAPWGGNK
RSGFGRELGEGGIDNYLSVKQVTEYISDEPWGWYQSPSKL
;
_entity_poly.pdbx_strand_id   A,B
#
loop_
_chem_comp.id
_chem_comp.type
_chem_comp.name
_chem_comp.formula
EDO non-polymer 1,2-ETHANEDIOL 'C2 H6 O2'
GOL non-polymer GLYCEROL 'C3 H8 O3'
NA non-polymer 'SODIUM ION' 'Na 1'
NAD non-polymer NICOTINAMIDE-ADENINE-DINUCLEOTIDE 'C21 H27 N7 O14 P2'
PEG non-polymer DI(HYDROXYETHYL)ETHER 'C4 H10 O3'
#
# COMPACT_ATOMS: atom_id res chain seq x y z
N MET A 21 -22.58 -21.58 -27.84
CA MET A 21 -22.68 -22.55 -26.74
C MET A 21 -22.75 -21.89 -25.36
N VAL A 22 -22.06 -20.76 -25.18
CA VAL A 22 -22.01 -20.06 -23.89
C VAL A 22 -23.34 -19.35 -23.53
N PRO A 23 -23.66 -19.14 -22.22
CA PRO A 23 -24.89 -18.42 -21.87
C PRO A 23 -24.91 -16.98 -22.39
N LEU A 24 -26.09 -16.38 -22.48
CA LEU A 24 -26.25 -15.00 -22.89
C LEU A 24 -26.67 -14.24 -21.63
N ARG A 25 -25.73 -13.45 -21.04
CA ARG A 25 -25.98 -12.67 -19.83
C ARG A 25 -25.88 -11.18 -20.11
N GLN A 26 -26.24 -10.35 -19.12
CA GLN A 26 -26.12 -8.91 -19.18
C GLN A 26 -25.13 -8.49 -18.10
N LEU A 27 -25.01 -7.19 -17.82
CA LEU A 27 -24.19 -6.71 -16.71
C LEU A 27 -24.91 -7.09 -15.42
N PHE A 28 -24.18 -7.15 -14.32
CA PHE A 28 -24.79 -7.47 -13.03
C PHE A 28 -24.63 -6.24 -12.17
N VAL A 29 -25.74 -5.48 -11.94
CA VAL A 29 -25.73 -4.24 -11.17
C VAL A 29 -26.91 -4.21 -10.20
N ASP A 30 -26.64 -3.96 -8.91
CA ASP A 30 -27.65 -3.86 -7.85
C ASP A 30 -28.62 -5.07 -7.82
N GLY A 31 -28.08 -6.27 -7.97
CA GLY A 31 -28.84 -7.51 -7.94
C GLY A 31 -29.65 -7.80 -9.19
N GLU A 32 -29.50 -6.97 -10.24
CA GLU A 32 -30.24 -7.13 -11.49
C GLU A 32 -29.35 -7.49 -12.69
N TRP A 33 -29.97 -8.03 -13.76
CA TRP A 33 -29.30 -8.21 -15.04
C TRP A 33 -29.63 -6.93 -15.78
N ARG A 34 -28.61 -6.21 -16.23
CA ARG A 34 -28.85 -4.92 -16.86
C ARG A 34 -28.11 -4.82 -18.18
N PRO A 35 -28.83 -4.60 -19.30
CA PRO A 35 -28.12 -4.44 -20.57
C PRO A 35 -27.18 -3.23 -20.52
N PRO A 36 -26.05 -3.24 -21.25
CA PRO A 36 -25.18 -2.04 -21.27
C PRO A 36 -25.94 -0.83 -21.79
N ALA A 37 -25.70 0.37 -21.22
CA ALA A 37 -26.42 1.59 -21.57
C ALA A 37 -26.42 1.90 -23.08
N GLN A 38 -25.27 1.71 -23.74
CA GLN A 38 -25.18 1.95 -25.19
C GLN A 38 -25.53 0.75 -26.07
N GLY A 39 -26.00 -0.35 -25.44
CA GLY A 39 -26.43 -1.57 -26.12
C GLY A 39 -25.41 -2.31 -26.97
N ARG A 40 -24.12 -2.03 -26.78
CA ARG A 40 -23.08 -2.70 -27.55
C ARG A 40 -22.61 -4.02 -26.91
N ARG A 41 -22.12 -4.98 -27.75
CA ARG A 41 -21.64 -6.29 -27.32
C ARG A 41 -20.26 -6.61 -27.86
N LEU A 42 -19.59 -7.58 -27.22
CA LEU A 42 -18.27 -8.08 -27.63
C LEU A 42 -18.40 -9.55 -27.91
N PRO A 43 -17.80 -10.08 -29.01
CA PRO A 43 -17.88 -11.54 -29.20
C PRO A 43 -17.09 -12.36 -28.18
N VAL A 44 -17.55 -13.57 -27.97
CA VAL A 44 -16.89 -14.60 -27.18
C VAL A 44 -16.31 -15.48 -28.30
N VAL A 45 -14.97 -15.43 -28.46
CA VAL A 45 -14.24 -16.19 -29.48
C VAL A 45 -13.70 -17.51 -28.90
N ASN A 46 -14.09 -18.66 -29.50
CA ASN A 46 -13.60 -19.95 -29.09
C ASN A 46 -12.16 -20.03 -29.66
N PRO A 47 -11.12 -20.16 -28.81
CA PRO A 47 -9.73 -20.18 -29.35
C PRO A 47 -9.35 -21.48 -30.09
N THR A 48 -10.13 -22.55 -29.88
CA THR A 48 -9.92 -23.85 -30.52
C THR A 48 -10.45 -23.86 -31.98
N THR A 49 -11.59 -23.19 -32.24
CA THR A 49 -12.23 -23.17 -33.56
C THR A 49 -12.17 -21.81 -34.25
N GLU A 50 -11.75 -20.74 -33.50
CA GLU A 50 -11.66 -19.33 -33.92
C GLU A 50 -13.06 -18.72 -34.17
N ALA A 51 -14.12 -19.49 -33.91
CA ALA A 51 -15.48 -19.05 -34.16
C ALA A 51 -16.10 -18.33 -32.98
N HIS A 52 -17.04 -17.43 -33.27
CA HIS A 52 -17.82 -16.70 -32.27
C HIS A 52 -18.84 -17.67 -31.68
N ILE A 53 -18.79 -17.87 -30.36
CA ILE A 53 -19.67 -18.81 -29.64
C ILE A 53 -20.68 -18.13 -28.68
N GLY A 54 -20.74 -16.81 -28.74
CA GLY A 54 -21.63 -16.03 -27.90
C GLY A 54 -21.21 -14.59 -27.88
N GLU A 55 -21.81 -13.81 -26.94
CA GLU A 55 -21.53 -12.39 -26.79
C GLU A 55 -21.55 -11.96 -25.34
N ILE A 56 -20.78 -10.92 -25.02
CA ILE A 56 -20.78 -10.33 -23.67
C ILE A 56 -21.05 -8.85 -23.78
N PRO A 57 -21.61 -8.20 -22.75
CA PRO A 57 -21.85 -6.75 -22.84
C PRO A 57 -20.54 -5.96 -22.95
N ALA A 58 -20.55 -4.95 -23.82
CA ALA A 58 -19.43 -4.03 -24.03
C ALA A 58 -19.74 -2.82 -23.16
N GLY A 59 -19.47 -2.92 -21.85
CA GLY A 59 -19.76 -1.84 -20.91
C GLY A 59 -18.92 -0.59 -21.09
N THR A 60 -19.52 0.59 -20.76
CA THR A 60 -18.88 1.89 -20.85
C THR A 60 -18.96 2.64 -19.52
N ALA A 61 -18.41 3.89 -19.48
CA ALA A 61 -18.36 4.73 -18.26
C ALA A 61 -19.70 4.89 -17.54
N GLU A 62 -20.83 4.99 -18.28
CA GLU A 62 -22.19 5.08 -17.69
C GLU A 62 -22.55 3.81 -16.88
N ASP A 63 -22.17 2.63 -17.39
CA ASP A 63 -22.42 1.34 -16.74
C ASP A 63 -21.57 1.22 -15.49
N VAL A 64 -20.30 1.73 -15.56
CA VAL A 64 -19.35 1.72 -14.43
C VAL A 64 -19.93 2.63 -13.33
N ASP A 65 -20.45 3.80 -13.72
CA ASP A 65 -21.06 4.75 -12.80
C ASP A 65 -22.23 4.13 -12.06
N ALA A 66 -23.09 3.36 -12.76
CA ALA A 66 -24.24 2.70 -12.15
C ALA A 66 -23.80 1.61 -11.18
N ALA A 67 -22.75 0.87 -11.53
CA ALA A 67 -22.21 -0.22 -10.70
C ALA A 67 -21.62 0.36 -9.40
N VAL A 68 -20.79 1.42 -9.53
CA VAL A 68 -20.15 2.12 -8.40
C VAL A 68 -21.25 2.69 -7.51
N ALA A 69 -22.27 3.34 -8.10
CA ALA A 69 -23.38 3.91 -7.33
C ALA A 69 -24.12 2.83 -6.51
N ALA A 70 -24.40 1.66 -7.12
CA ALA A 70 -25.06 0.51 -6.47
C ALA A 70 -24.20 -0.02 -5.31
N ALA A 71 -22.86 -0.16 -5.51
CA ALA A 71 -21.93 -0.62 -4.47
C ALA A 71 -21.89 0.38 -3.30
N ARG A 72 -21.89 1.69 -3.62
CA ARG A 72 -21.86 2.74 -2.59
C ARG A 72 -23.17 2.72 -1.77
N ALA A 73 -24.32 2.59 -2.46
CA ALA A 73 -25.62 2.54 -1.78
C ALA A 73 -25.71 1.27 -0.88
N ALA A 74 -25.13 0.14 -1.35
CA ALA A 74 -25.15 -1.11 -0.55
C ALA A 74 -24.26 -1.02 0.65
N LEU A 75 -23.10 -0.36 0.53
CA LEU A 75 -22.16 -0.18 1.65
C LEU A 75 -22.84 0.64 2.76
N LYS A 76 -23.52 1.72 2.39
CA LYS A 76 -24.12 2.66 3.34
C LYS A 76 -25.50 2.29 3.85
N ARG A 77 -26.25 1.43 3.13
CA ARG A 77 -27.64 1.09 3.49
C ARG A 77 -27.77 0.68 4.96
N ASN A 78 -28.78 1.21 5.67
CA ASN A 78 -29.09 0.85 7.06
C ASN A 78 -27.85 0.92 7.98
N ARG A 79 -27.05 2.01 7.84
CA ARG A 79 -25.80 2.26 8.57
C ARG A 79 -24.80 1.10 8.45
N GLY A 80 -24.80 0.43 7.27
CA GLY A 80 -23.95 -0.73 6.97
C GLY A 80 -24.27 -1.97 7.79
N ARG A 81 -25.39 -1.95 8.58
CA ARG A 81 -25.75 -3.07 9.46
C ARG A 81 -26.03 -4.41 8.79
N ASP A 82 -26.45 -4.42 7.52
CA ASP A 82 -26.76 -5.68 6.83
C ASP A 82 -25.58 -6.29 6.04
N TRP A 83 -24.48 -5.56 5.92
CA TRP A 83 -23.30 -6.10 5.22
C TRP A 83 -21.95 -5.60 5.78
N ALA A 84 -21.61 -4.32 5.47
CA ALA A 84 -20.33 -3.68 5.81
C ALA A 84 -19.95 -3.76 7.31
N ARG A 85 -20.94 -3.48 8.18
CA ARG A 85 -20.77 -3.45 9.63
C ARG A 85 -21.50 -4.63 10.30
N ALA A 86 -21.92 -5.63 9.52
CA ALA A 86 -22.52 -6.85 10.05
C ALA A 86 -21.37 -7.74 10.61
N PRO A 87 -21.60 -8.69 11.52
CA PRO A 87 -20.50 -9.58 11.93
C PRO A 87 -19.94 -10.36 10.72
N GLY A 88 -18.64 -10.60 10.75
CA GLY A 88 -17.94 -11.38 9.72
C GLY A 88 -18.57 -12.75 9.53
N ALA A 89 -19.12 -13.32 10.62
CA ALA A 89 -19.82 -14.61 10.60
C ALA A 89 -21.01 -14.61 9.64
N VAL A 90 -21.70 -13.45 9.49
CA VAL A 90 -22.85 -13.32 8.58
C VAL A 90 -22.37 -13.38 7.11
N ARG A 91 -21.28 -12.62 6.79
CA ARG A 91 -20.75 -12.63 5.42
C ARG A 91 -20.15 -13.99 5.08
N ALA A 92 -19.61 -14.71 6.09
CA ALA A 92 -19.02 -16.03 5.90
C ALA A 92 -20.05 -17.03 5.34
N LYS A 93 -21.32 -16.92 5.77
CA LYS A 93 -22.40 -17.80 5.32
C LYS A 93 -22.60 -17.66 3.81
N TYR A 94 -22.55 -16.42 3.28
CA TYR A 94 -22.68 -16.16 1.85
C TYR A 94 -21.48 -16.67 1.07
N LEU A 95 -20.25 -16.49 1.59
CA LEU A 95 -19.03 -16.97 0.92
C LEU A 95 -19.02 -18.52 0.84
N ARG A 96 -19.49 -19.21 1.89
CA ARG A 96 -19.61 -20.67 1.90
C ARG A 96 -20.70 -21.12 0.94
N ALA A 97 -21.82 -20.40 0.84
CA ALA A 97 -22.94 -20.69 -0.07
C ALA A 97 -22.49 -20.56 -1.54
N ILE A 98 -21.68 -19.53 -1.85
CA ILE A 98 -21.09 -19.33 -3.20
C ILE A 98 -20.16 -20.52 -3.50
N ALA A 99 -19.29 -20.91 -2.53
CA ALA A 99 -18.36 -22.04 -2.72
C ALA A 99 -19.10 -23.33 -3.04
N ALA A 100 -20.22 -23.61 -2.30
CA ALA A 100 -21.05 -24.81 -2.49
C ALA A 100 -21.67 -24.83 -3.91
N LYS A 101 -22.09 -23.66 -4.44
CA LYS A 101 -22.70 -23.57 -5.78
C LYS A 101 -21.64 -23.76 -6.85
N VAL A 102 -20.42 -23.27 -6.61
CA VAL A 102 -19.31 -23.47 -7.58
C VAL A 102 -19.07 -24.99 -7.77
N ILE A 103 -19.02 -25.76 -6.67
CA ILE A 103 -18.84 -27.22 -6.68
C ILE A 103 -20.04 -27.89 -7.36
N GLU A 104 -21.23 -27.41 -7.05
CA GLU A 104 -22.45 -27.94 -7.65
C GLU A 104 -22.43 -27.80 -9.19
N ARG A 105 -21.88 -26.69 -9.67
CA ARG A 105 -21.81 -26.35 -11.09
C ARG A 105 -20.44 -26.63 -11.74
N LYS A 106 -19.52 -27.28 -10.98
CA LYS A 106 -18.14 -27.56 -11.39
C LYS A 106 -17.92 -28.07 -12.83
N PRO A 107 -18.57 -29.18 -13.30
CA PRO A 107 -18.31 -29.64 -14.69
C PRO A 107 -18.71 -28.63 -15.75
N GLU A 108 -19.87 -27.98 -15.57
CA GLU A 108 -20.31 -26.96 -16.53
C GLU A 108 -19.42 -25.72 -16.49
N LEU A 109 -19.02 -25.24 -15.27
CA LEU A 109 -18.11 -24.08 -15.15
C LEU A 109 -16.72 -24.38 -15.77
N ALA A 110 -16.16 -25.59 -15.53
CA ALA A 110 -14.87 -26.02 -16.07
C ALA A 110 -14.93 -26.08 -17.62
N LYS A 111 -16.05 -26.62 -18.18
CA LYS A 111 -16.27 -26.66 -19.63
C LYS A 111 -16.32 -25.25 -20.23
N LEU A 112 -17.08 -24.32 -19.59
CA LEU A 112 -17.18 -22.94 -20.06
C LEU A 112 -15.82 -22.25 -20.00
N GLU A 113 -15.06 -22.48 -18.91
CA GLU A 113 -13.70 -21.93 -18.76
C GLU A 113 -12.80 -22.35 -19.94
N ALA A 114 -12.79 -23.65 -20.28
CA ALA A 114 -12.00 -24.22 -21.41
C ALA A 114 -12.47 -23.65 -22.77
N LEU A 115 -13.79 -23.47 -22.94
CA LEU A 115 -14.36 -22.91 -24.17
C LEU A 115 -13.97 -21.45 -24.35
N ASP A 116 -13.98 -20.68 -23.24
CA ASP A 116 -13.71 -19.25 -23.20
C ASP A 116 -12.24 -18.89 -23.25
N CYS A 117 -11.40 -19.52 -22.41
CA CYS A 117 -9.99 -19.12 -22.39
C CYS A 117 -8.97 -20.06 -23.05
N GLY A 118 -9.39 -21.30 -23.31
CA GLY A 118 -8.54 -22.26 -24.01
C GLY A 118 -7.75 -23.23 -23.19
N LYS A 119 -7.73 -23.06 -21.86
CA LYS A 119 -6.97 -23.98 -21.01
C LYS A 119 -7.54 -25.40 -21.01
N PRO A 120 -6.69 -26.46 -20.94
CA PRO A 120 -7.21 -27.85 -20.92
C PRO A 120 -8.24 -28.03 -19.81
N TYR A 121 -9.25 -28.90 -20.06
CA TYR A 121 -10.32 -29.18 -19.08
C TYR A 121 -9.82 -29.54 -17.68
N ASP A 122 -8.74 -30.36 -17.57
CA ASP A 122 -8.23 -30.80 -16.26
C ASP A 122 -7.70 -29.60 -15.46
N GLU A 123 -7.19 -28.57 -16.16
CA GLU A 123 -6.70 -27.34 -15.52
C GLU A 123 -7.93 -26.52 -15.04
N ALA A 124 -8.94 -26.37 -15.92
CA ALA A 124 -10.16 -25.62 -15.63
C ALA A 124 -10.91 -26.24 -14.43
N ALA A 125 -10.93 -27.59 -14.36
CA ALA A 125 -11.50 -28.35 -13.25
C ALA A 125 -10.75 -28.05 -11.96
N TRP A 126 -9.39 -28.00 -12.03
CA TRP A 126 -8.54 -27.66 -10.87
C TRP A 126 -8.83 -26.21 -10.38
N ASP A 127 -8.95 -25.25 -11.31
CA ASP A 127 -9.32 -23.86 -11.00
C ASP A 127 -10.65 -23.78 -10.22
N MET A 128 -11.68 -24.58 -10.62
CA MET A 128 -12.99 -24.57 -9.93
C MET A 128 -12.87 -25.08 -8.51
N ASP A 129 -12.01 -26.10 -8.29
CA ASP A 129 -11.74 -26.57 -6.93
C ASP A 129 -11.04 -25.45 -6.16
N ASP A 130 -10.10 -24.73 -6.81
CA ASP A 130 -9.37 -23.63 -6.17
C ASP A 130 -10.29 -22.41 -5.90
N VAL A 131 -11.31 -22.17 -6.77
CA VAL A 131 -12.31 -21.10 -6.60
C VAL A 131 -13.05 -21.38 -5.28
N ALA A 132 -13.63 -22.60 -5.13
CA ALA A 132 -14.36 -22.97 -3.90
C ALA A 132 -13.47 -22.96 -2.68
N GLY A 133 -12.21 -23.43 -2.82
CA GLY A 133 -11.23 -23.42 -1.75
C GLY A 133 -10.93 -22.02 -1.24
N CYS A 134 -10.83 -21.07 -2.16
CA CYS A 134 -10.55 -19.66 -1.85
C CYS A 134 -11.75 -19.02 -1.11
N PHE A 135 -13.00 -19.27 -1.59
CA PHE A 135 -14.18 -18.74 -0.91
C PHE A 135 -14.28 -19.32 0.53
N GLU A 136 -13.91 -20.61 0.74
CA GLU A 136 -13.95 -21.25 2.09
C GLU A 136 -12.89 -20.67 3.00
N TYR A 137 -11.68 -20.46 2.48
CA TYR A 137 -10.58 -19.88 3.24
C TYR A 137 -10.98 -18.45 3.71
N PHE A 138 -11.53 -17.66 2.80
CA PHE A 138 -11.97 -16.30 3.14
C PHE A 138 -13.18 -16.22 4.04
N ALA A 139 -14.03 -17.26 4.03
CA ALA A 139 -15.17 -17.33 4.96
C ALA A 139 -14.58 -17.52 6.40
N ASP A 140 -13.52 -18.34 6.55
CA ASP A 140 -12.85 -18.54 7.84
C ASP A 140 -12.19 -17.23 8.27
N GLN A 141 -11.58 -16.50 7.32
CA GLN A 141 -10.96 -15.20 7.58
C GLN A 141 -12.00 -14.17 8.07
N ALA A 142 -13.24 -14.18 7.51
CA ALA A 142 -14.29 -13.26 7.96
C ALA A 142 -14.69 -13.59 9.42
N GLU A 143 -14.74 -14.87 9.79
CA GLU A 143 -15.06 -15.29 11.19
C GLU A 143 -13.95 -14.92 12.16
N ALA A 144 -12.67 -15.08 11.73
CA ALA A 144 -11.48 -14.67 12.47
C ALA A 144 -11.44 -13.14 12.67
N LEU A 145 -11.99 -12.35 11.69
CA LEU A 145 -12.03 -10.88 11.78
C LEU A 145 -12.82 -10.42 13.03
N ASP A 146 -13.93 -11.10 13.35
CA ASP A 146 -14.76 -10.79 14.52
C ASP A 146 -13.97 -10.86 15.84
N LYS A 147 -13.05 -11.83 15.97
CA LYS A 147 -12.18 -12.04 17.13
C LYS A 147 -11.12 -10.95 17.22
N ARG A 148 -10.76 -10.34 16.08
CA ARG A 148 -9.74 -9.28 15.98
C ARG A 148 -10.29 -7.89 16.28
N GLN A 149 -11.62 -7.71 16.32
CA GLN A 149 -12.21 -6.39 16.55
C GLN A 149 -12.01 -5.90 17.96
N ASN A 150 -11.91 -4.56 18.10
CA ASN A 150 -11.75 -3.86 19.38
C ASN A 150 -10.54 -4.34 20.14
N SER A 151 -9.46 -4.67 19.41
CA SER A 151 -8.24 -5.16 20.05
C SER A 151 -7.54 -4.09 20.89
N PRO A 152 -7.28 -4.36 22.18
CA PRO A 152 -6.64 -3.34 23.02
C PRO A 152 -5.20 -3.01 22.62
N VAL A 153 -4.79 -1.78 22.89
CA VAL A 153 -3.43 -1.36 22.65
C VAL A 153 -2.91 -0.82 23.98
N SER A 154 -1.83 -1.42 24.53
CA SER A 154 -1.20 -1.00 25.79
C SER A 154 -0.46 0.31 25.52
N LEU A 155 -0.71 1.33 26.36
CA LEU A 155 -0.11 2.66 26.23
C LEU A 155 0.81 2.97 27.43
N PRO A 156 1.84 3.86 27.27
CA PRO A 156 2.75 4.13 28.41
C PRO A 156 2.21 5.17 29.40
N MET A 157 0.91 5.52 29.27
CA MET A 157 0.18 6.47 30.12
C MET A 157 -1.12 5.80 30.57
N GLU A 158 -1.38 5.79 31.88
CA GLU A 158 -2.57 5.16 32.49
C GLU A 158 -3.84 6.02 32.37
N THR A 159 -3.68 7.27 31.93
CA THR A 159 -4.78 8.24 31.75
C THR A 159 -5.50 8.07 30.40
N PHE A 160 -5.02 7.15 29.57
CA PHE A 160 -5.61 6.87 28.28
C PHE A 160 -5.78 5.37 28.05
N LYS A 161 -6.77 5.02 27.21
CA LYS A 161 -7.02 3.67 26.71
C LYS A 161 -7.11 3.74 25.19
N CYS A 162 -6.80 2.62 24.50
CA CYS A 162 -6.79 2.53 23.03
C CYS A 162 -7.21 1.14 22.58
N HIS A 163 -8.12 1.11 21.60
CA HIS A 163 -8.55 -0.12 20.94
C HIS A 163 -8.58 0.10 19.41
N LEU A 164 -8.43 -1.01 18.66
CA LEU A 164 -8.42 -0.96 17.21
C LEU A 164 -9.64 -1.56 16.62
N ARG A 165 -10.20 -0.88 15.63
CA ARG A 165 -11.35 -1.31 14.84
C ARG A 165 -10.80 -1.52 13.42
N ARG A 166 -11.22 -2.62 12.77
CA ARG A 166 -10.80 -2.94 11.40
C ARG A 166 -12.05 -2.88 10.54
N GLU A 167 -12.20 -1.74 9.84
CA GLU A 167 -13.40 -1.42 9.04
C GLU A 167 -13.19 -1.67 7.55
N PRO A 168 -14.26 -1.93 6.76
CA PRO A 168 -14.04 -2.12 5.31
C PRO A 168 -13.46 -0.84 4.73
N ILE A 169 -12.52 -0.96 3.80
CA ILE A 169 -12.00 0.23 3.14
C ILE A 169 -13.15 0.95 2.35
N GLY A 170 -14.17 0.20 1.91
CA GLY A 170 -15.34 0.80 1.28
C GLY A 170 -15.71 0.16 -0.04
N VAL A 171 -15.89 0.98 -1.11
CA VAL A 171 -16.27 0.44 -2.42
C VAL A 171 -14.95 0.08 -3.11
N VAL A 172 -14.81 -1.16 -3.60
CA VAL A 172 -13.56 -1.54 -4.23
C VAL A 172 -13.72 -1.89 -5.70
N GLY A 173 -12.74 -1.48 -6.50
CA GLY A 173 -12.69 -1.76 -7.94
C GLY A 173 -11.70 -2.90 -8.17
N LEU A 174 -12.20 -4.04 -8.69
CA LEU A 174 -11.43 -5.28 -8.93
C LEU A 174 -11.32 -5.52 -10.42
N ILE A 175 -10.08 -5.40 -10.95
CA ILE A 175 -9.78 -5.50 -12.38
C ILE A 175 -8.86 -6.69 -12.58
N THR A 176 -9.30 -7.68 -13.39
CA THR A 176 -8.59 -8.95 -13.49
C THR A 176 -8.24 -9.42 -14.89
N PRO A 177 -7.29 -10.40 -15.02
CA PRO A 177 -6.93 -10.92 -16.34
C PRO A 177 -7.67 -12.22 -16.72
N TRP A 178 -7.54 -12.62 -18.00
CA TRP A 178 -8.21 -13.78 -18.60
C TRP A 178 -7.55 -15.16 -18.38
N ASN A 179 -6.33 -15.22 -17.75
CA ASN A 179 -5.58 -16.48 -17.63
C ASN A 179 -6.14 -17.53 -16.67
N TYR A 180 -6.82 -17.10 -15.61
CA TYR A 180 -7.55 -17.98 -14.69
C TYR A 180 -8.80 -17.10 -14.51
N PRO A 181 -9.76 -17.13 -15.47
CA PRO A 181 -10.91 -16.18 -15.41
C PRO A 181 -11.67 -16.11 -14.07
N LEU A 182 -12.33 -17.19 -13.67
CA LEU A 182 -13.06 -17.20 -12.41
C LEU A 182 -12.13 -17.14 -11.17
N LEU A 183 -10.96 -17.83 -11.18
CA LEU A 183 -10.04 -17.82 -10.04
C LEU A 183 -9.43 -16.44 -9.74
N MET A 184 -8.98 -15.70 -10.78
CA MET A 184 -8.42 -14.34 -10.57
C MET A 184 -9.49 -13.42 -9.99
N ALA A 185 -10.75 -13.56 -10.46
CA ALA A 185 -11.84 -12.75 -9.93
C ALA A 185 -12.05 -13.11 -8.44
N THR A 186 -12.05 -14.43 -8.12
CA THR A 186 -12.24 -14.97 -6.76
C THR A 186 -11.17 -14.47 -5.78
N TRP A 187 -9.89 -14.46 -6.21
CA TRP A 187 -8.75 -13.96 -5.45
C TRP A 187 -9.01 -12.56 -4.89
N LYS A 188 -9.80 -11.74 -5.60
CA LYS A 188 -10.13 -10.40 -5.10
C LYS A 188 -11.48 -10.32 -4.46
N ILE A 189 -12.49 -10.98 -5.03
CA ILE A 189 -13.87 -10.93 -4.51
C ILE A 189 -13.97 -11.53 -3.08
N ALA A 190 -13.42 -12.73 -2.87
CA ALA A 190 -13.51 -13.43 -1.57
C ALA A 190 -12.96 -12.62 -0.38
N PRO A 191 -11.70 -12.09 -0.39
CA PRO A 191 -11.23 -11.29 0.75
C PRO A 191 -11.94 -9.93 0.87
N ALA A 192 -12.32 -9.27 -0.29
CA ALA A 192 -13.04 -8.00 -0.26
C ALA A 192 -14.39 -8.14 0.46
N LEU A 193 -15.17 -9.19 0.08
CA LEU A 193 -16.46 -9.47 0.69
C LEU A 193 -16.31 -9.90 2.16
N ALA A 194 -15.27 -10.71 2.49
CA ALA A 194 -14.95 -11.14 3.87
C ALA A 194 -14.72 -9.92 4.77
N ALA A 195 -14.01 -8.88 4.25
CA ALA A 195 -13.72 -7.62 4.93
C ALA A 195 -14.98 -6.74 5.16
N GLY A 196 -16.05 -7.00 4.43
CA GLY A 196 -17.25 -6.16 4.50
C GLY A 196 -17.34 -5.08 3.44
N CYS A 197 -16.42 -5.09 2.46
CA CYS A 197 -16.46 -4.12 1.34
C CYS A 197 -17.64 -4.49 0.43
N THR A 198 -17.95 -3.56 -0.52
CA THR A 198 -18.87 -3.82 -1.64
C THR A 198 -17.97 -3.65 -2.86
N ALA A 199 -18.28 -4.33 -3.98
CA ALA A 199 -17.30 -4.35 -5.06
C ALA A 199 -17.88 -4.24 -6.46
N VAL A 200 -17.03 -3.77 -7.38
CA VAL A 200 -17.30 -3.75 -8.82
C VAL A 200 -16.14 -4.50 -9.46
N LEU A 201 -16.46 -5.62 -10.11
CA LEU A 201 -15.48 -6.42 -10.82
C LEU A 201 -15.54 -6.07 -12.31
N LYS A 202 -14.35 -5.88 -12.92
CA LYS A 202 -14.24 -5.64 -14.35
C LYS A 202 -13.29 -6.75 -14.82
N PRO A 203 -13.84 -7.92 -15.24
CA PRO A 203 -12.97 -9.01 -15.70
C PRO A 203 -12.50 -8.73 -17.12
N SER A 204 -11.55 -9.50 -17.62
CA SER A 204 -11.03 -9.30 -18.97
C SER A 204 -12.08 -9.55 -20.10
N GLU A 205 -12.08 -8.68 -21.12
CA GLU A 205 -12.91 -8.78 -22.33
C GLU A 205 -12.66 -10.10 -23.10
N LEU A 206 -11.49 -10.74 -22.88
CA LEU A 206 -11.12 -12.00 -23.53
C LEU A 206 -11.72 -13.22 -22.84
N ALA A 207 -12.14 -13.08 -21.57
CA ALA A 207 -12.69 -14.21 -20.82
C ALA A 207 -13.60 -13.78 -19.68
N SER A 208 -14.84 -13.40 -20.02
CA SER A 208 -15.83 -12.93 -19.04
C SER A 208 -16.94 -13.96 -18.69
N VAL A 209 -17.05 -15.07 -19.43
CA VAL A 209 -18.13 -16.07 -19.29
C VAL A 209 -18.40 -16.59 -17.87
N THR A 210 -17.41 -17.22 -17.21
CA THR A 210 -17.64 -17.77 -15.87
C THR A 210 -17.86 -16.68 -14.83
N CYS A 211 -17.28 -15.47 -15.04
CA CYS A 211 -17.48 -14.37 -14.10
C CYS A 211 -18.95 -13.96 -14.11
N LEU A 212 -19.59 -13.97 -15.31
CA LEU A 212 -21.02 -13.69 -15.44
C LEU A 212 -21.87 -14.78 -14.79
N GLU A 213 -21.36 -16.05 -14.79
CA GLU A 213 -22.02 -17.17 -14.10
C GLU A 213 -21.90 -17.00 -12.58
N LEU A 214 -20.80 -16.38 -12.08
CA LEU A 214 -20.66 -16.05 -10.66
C LEU A 214 -21.79 -15.08 -10.22
N ALA A 215 -22.13 -14.09 -11.06
CA ALA A 215 -23.23 -13.16 -10.78
C ALA A 215 -24.53 -13.96 -10.62
N ASP A 216 -24.76 -14.97 -11.49
CA ASP A 216 -25.93 -15.87 -11.41
C ASP A 216 -25.95 -16.64 -10.08
N ILE A 217 -24.78 -17.12 -9.61
CA ILE A 217 -24.67 -17.81 -8.31
C ILE A 217 -25.01 -16.84 -7.16
N CYS A 218 -24.49 -15.59 -7.23
CA CYS A 218 -24.75 -14.56 -6.21
C CYS A 218 -26.24 -14.33 -6.04
N LYS A 219 -26.98 -14.28 -7.15
CA LYS A 219 -28.44 -14.10 -7.20
C LYS A 219 -29.13 -15.30 -6.55
N GLU A 220 -28.67 -16.51 -6.92
CA GLU A 220 -29.21 -17.76 -6.41
C GLU A 220 -29.07 -17.91 -4.90
N VAL A 221 -27.95 -17.44 -4.32
CA VAL A 221 -27.67 -17.51 -2.87
C VAL A 221 -28.27 -16.32 -2.08
N GLY A 222 -28.88 -15.37 -2.79
CA GLY A 222 -29.53 -14.22 -2.17
C GLY A 222 -28.55 -13.18 -1.64
N LEU A 223 -27.38 -13.04 -2.32
CA LEU A 223 -26.41 -12.03 -1.90
C LEU A 223 -27.13 -10.67 -1.94
N PRO A 224 -27.02 -9.83 -0.87
CA PRO A 224 -27.73 -8.54 -0.87
C PRO A 224 -27.37 -7.68 -2.08
N SER A 225 -28.37 -6.98 -2.62
CA SER A 225 -28.18 -6.20 -3.84
C SER A 225 -27.14 -5.08 -3.72
N GLY A 226 -26.27 -5.01 -4.72
CA GLY A 226 -25.22 -3.99 -4.76
C GLY A 226 -23.91 -4.40 -4.13
N VAL A 227 -23.91 -5.54 -3.39
CA VAL A 227 -22.70 -6.03 -2.72
C VAL A 227 -21.60 -6.40 -3.73
N LEU A 228 -21.98 -7.12 -4.78
CA LEU A 228 -21.09 -7.46 -5.87
C LEU A 228 -21.78 -7.05 -7.15
N ASN A 229 -21.04 -6.32 -8.02
CA ASN A 229 -21.50 -5.83 -9.31
C ASN A 229 -20.47 -6.21 -10.35
N ILE A 230 -20.90 -6.58 -11.57
CA ILE A 230 -19.94 -7.01 -12.61
C ILE A 230 -20.22 -6.27 -13.91
N VAL A 231 -19.23 -5.51 -14.35
CA VAL A 231 -19.27 -4.74 -15.59
C VAL A 231 -18.21 -5.32 -16.53
N THR A 232 -18.67 -5.96 -17.61
CA THR A 232 -17.76 -6.50 -18.62
C THR A 232 -17.52 -5.38 -19.63
N GLY A 233 -16.44 -5.48 -20.39
CA GLY A 233 -16.10 -4.48 -21.42
C GLY A 233 -14.60 -4.40 -21.68
N LEU A 234 -14.23 -3.57 -22.66
CA LEU A 234 -12.83 -3.34 -23.03
C LEU A 234 -12.12 -2.56 -21.90
N GLY A 235 -10.82 -2.80 -21.77
CA GLY A 235 -9.94 -2.18 -20.78
C GLY A 235 -10.06 -0.67 -20.76
N PRO A 236 -9.93 0.04 -21.91
CA PRO A 236 -10.05 1.51 -21.88
C PRO A 236 -11.47 2.03 -21.65
N ASP A 237 -12.49 1.29 -22.08
CA ASP A 237 -13.90 1.74 -21.98
C ASP A 237 -14.61 1.48 -20.65
N ALA A 238 -14.23 0.38 -19.97
CA ALA A 238 -14.83 -0.05 -18.71
C ALA A 238 -13.82 -0.09 -17.57
N GLY A 239 -12.62 -0.64 -17.83
CA GLY A 239 -11.56 -0.73 -16.83
C GLY A 239 -11.06 0.63 -16.36
N ALA A 240 -10.65 1.51 -17.32
CA ALA A 240 -10.12 2.84 -17.02
C ALA A 240 -11.11 3.75 -16.26
N PRO A 241 -12.43 3.84 -16.61
CA PRO A 241 -13.34 4.67 -15.80
C PRO A 241 -13.47 4.15 -14.36
N LEU A 242 -13.45 2.81 -14.17
CA LEU A 242 -13.48 2.19 -12.83
C LEU A 242 -12.23 2.57 -12.01
N SER A 243 -11.03 2.40 -12.59
CA SER A 243 -9.76 2.71 -11.92
C SER A 243 -9.63 4.18 -11.49
N ALA A 244 -10.30 5.12 -12.24
CA ALA A 244 -10.27 6.56 -12.02
C ALA A 244 -11.55 7.09 -11.37
N HIS A 245 -12.48 6.21 -10.96
CA HIS A 245 -13.74 6.69 -10.39
C HIS A 245 -13.58 7.41 -9.02
N PRO A 246 -14.11 8.65 -8.85
CA PRO A 246 -13.97 9.34 -7.55
C PRO A 246 -14.60 8.64 -6.35
N ASP A 247 -15.57 7.75 -6.57
CA ASP A 247 -16.26 7.03 -5.49
C ASP A 247 -15.76 5.62 -5.23
N VAL A 248 -14.63 5.25 -5.85
CA VAL A 248 -14.01 3.96 -5.63
C VAL A 248 -12.90 4.24 -4.58
N ASP A 249 -13.00 3.56 -3.41
CA ASP A 249 -12.06 3.73 -2.29
C ASP A 249 -10.71 3.05 -2.52
N LYS A 250 -10.66 1.97 -3.29
CA LYS A 250 -9.38 1.29 -3.54
C LYS A 250 -9.48 0.47 -4.82
N VAL A 251 -8.39 0.35 -5.59
CA VAL A 251 -8.37 -0.46 -6.80
C VAL A 251 -7.41 -1.63 -6.59
N ALA A 252 -7.88 -2.87 -6.77
CA ALA A 252 -7.04 -4.06 -6.69
C ALA A 252 -6.94 -4.53 -8.14
N PHE A 253 -5.72 -4.47 -8.68
CA PHE A 253 -5.43 -4.76 -10.09
C PHE A 253 -4.45 -5.89 -10.32
N THR A 254 -4.77 -6.74 -11.28
CA THR A 254 -3.91 -7.81 -11.80
C THR A 254 -3.90 -7.68 -13.33
N GLY A 255 -2.71 -7.57 -13.89
CA GLY A 255 -2.52 -7.41 -15.34
C GLY A 255 -1.06 -7.16 -15.67
N SER A 256 -0.81 -6.60 -16.85
CA SER A 256 0.57 -6.38 -17.30
C SER A 256 1.21 -5.18 -16.60
N PHE A 257 2.57 -5.08 -16.69
CA PHE A 257 3.33 -3.92 -16.20
C PHE A 257 2.88 -2.66 -16.99
N GLU A 258 2.64 -2.81 -18.32
CA GLU A 258 2.17 -1.70 -19.17
C GLU A 258 0.85 -1.10 -18.62
N THR A 259 -0.11 -1.95 -18.25
CA THR A 259 -1.41 -1.51 -17.72
C THR A 259 -1.27 -1.00 -16.29
N GLY A 260 -0.46 -1.70 -15.49
CA GLY A 260 -0.20 -1.32 -14.09
C GLY A 260 0.25 0.13 -13.93
N LYS A 261 1.06 0.63 -14.88
CA LYS A 261 1.53 2.03 -14.87
C LYS A 261 0.35 2.98 -15.07
N LYS A 262 -0.62 2.60 -15.94
CA LYS A 262 -1.82 3.40 -16.22
C LYS A 262 -2.74 3.43 -14.99
N ILE A 263 -2.91 2.27 -14.35
CA ILE A 263 -3.74 2.16 -13.13
C ILE A 263 -3.23 3.13 -12.07
N MET A 264 -1.91 3.05 -11.78
CA MET A 264 -1.30 3.91 -10.75
C MET A 264 -1.34 5.39 -11.11
N ALA A 265 -1.13 5.73 -12.40
CA ALA A 265 -1.20 7.13 -12.86
C ALA A 265 -2.64 7.66 -12.75
N SER A 266 -3.64 6.80 -13.01
CA SER A 266 -5.07 7.16 -12.91
C SER A 266 -5.49 7.45 -11.45
N ALA A 267 -4.91 6.71 -10.50
CA ALA A 267 -5.25 6.82 -9.08
C ALA A 267 -4.61 8.05 -8.42
N ALA A 268 -3.43 8.48 -8.93
CA ALA A 268 -2.63 9.58 -8.36
C ALA A 268 -3.35 10.93 -8.09
N PRO A 269 -4.19 11.49 -9.00
CA PRO A 269 -4.88 12.76 -8.67
C PRO A 269 -5.88 12.64 -7.52
N MET A 270 -6.32 11.41 -7.17
CA MET A 270 -7.27 11.21 -6.08
C MET A 270 -6.55 10.61 -4.86
N VAL A 271 -5.20 10.48 -4.90
CA VAL A 271 -4.39 9.79 -3.87
C VAL A 271 -5.10 8.47 -3.48
N LYS A 272 -5.64 7.80 -4.50
CA LYS A 272 -6.41 6.56 -4.34
C LYS A 272 -5.48 5.35 -4.15
N PRO A 273 -5.59 4.57 -3.05
CA PRO A 273 -4.71 3.40 -2.90
C PRO A 273 -5.00 2.31 -3.95
N VAL A 274 -3.96 1.61 -4.36
CA VAL A 274 -3.99 0.56 -5.36
C VAL A 274 -3.07 -0.58 -4.88
N THR A 275 -3.30 -1.77 -5.39
CA THR A 275 -2.37 -2.89 -5.26
C THR A 275 -2.17 -3.32 -6.70
N LEU A 276 -0.93 -3.69 -7.07
CA LEU A 276 -0.59 -4.05 -8.43
C LEU A 276 0.06 -5.43 -8.45
N GLU A 277 -0.59 -6.39 -9.11
CA GLU A 277 -0.08 -7.77 -9.28
C GLU A 277 0.23 -7.88 -10.75
N LEU A 278 1.49 -7.60 -11.12
CA LEU A 278 1.84 -7.50 -12.54
C LEU A 278 2.58 -8.67 -13.14
N GLY A 279 3.16 -8.46 -14.31
CA GLY A 279 3.85 -9.53 -15.03
C GLY A 279 5.14 -9.97 -14.41
N GLY A 280 5.81 -10.93 -15.03
CA GLY A 280 7.10 -11.39 -14.56
C GLY A 280 7.94 -12.05 -15.62
N LYS A 281 9.18 -12.38 -15.27
CA LYS A 281 10.13 -13.12 -16.12
C LYS A 281 11.02 -13.90 -15.13
N SER A 282 10.33 -14.79 -14.40
CA SER A 282 10.80 -15.58 -13.28
C SER A 282 11.82 -16.63 -13.71
N PRO A 283 12.91 -16.74 -12.95
CA PRO A 283 13.91 -17.77 -13.27
C PRO A 283 13.71 -19.10 -12.52
N ILE A 284 14.18 -20.19 -13.13
CA ILE A 284 14.26 -21.50 -12.49
C ILE A 284 15.73 -21.94 -12.59
N VAL A 285 16.38 -22.15 -11.43
CA VAL A 285 17.79 -22.53 -11.34
C VAL A 285 17.89 -24.01 -11.03
N VAL A 286 18.42 -24.79 -11.98
CA VAL A 286 18.51 -26.24 -11.85
C VAL A 286 19.97 -26.65 -11.74
N PHE A 287 20.40 -27.13 -10.56
CA PHE A 287 21.79 -27.56 -10.36
C PHE A 287 21.99 -28.98 -10.88
N ASP A 288 23.26 -29.42 -11.00
CA ASP A 288 23.61 -30.74 -11.53
C ASP A 288 23.23 -31.93 -10.64
N ASP A 289 23.06 -31.71 -9.33
CA ASP A 289 22.77 -32.77 -8.34
C ASP A 289 21.26 -33.05 -8.24
N VAL A 290 20.65 -33.35 -9.38
CA VAL A 290 19.22 -33.49 -9.51
C VAL A 290 18.77 -34.74 -10.25
N ASP A 291 17.54 -35.20 -9.96
CA ASP A 291 16.92 -36.27 -10.71
C ASP A 291 16.45 -35.54 -11.97
N ILE A 292 17.02 -35.90 -13.12
CA ILE A 292 16.74 -35.23 -14.40
C ILE A 292 15.27 -35.21 -14.79
N ASP A 293 14.62 -36.40 -14.91
CA ASP A 293 13.22 -36.44 -15.31
C ASP A 293 12.28 -35.65 -14.40
N LYS A 294 12.52 -35.66 -13.07
CA LYS A 294 11.72 -34.89 -12.10
C LYS A 294 11.93 -33.38 -12.26
N ALA A 295 13.18 -32.92 -12.47
CA ALA A 295 13.44 -31.50 -12.67
C ALA A 295 12.89 -31.03 -14.01
N VAL A 296 12.94 -31.90 -15.05
CA VAL A 296 12.43 -31.63 -16.39
C VAL A 296 10.93 -31.36 -16.36
N GLU A 297 10.16 -32.27 -15.71
CA GLU A 297 8.71 -32.13 -15.64
C GLU A 297 8.32 -30.80 -14.99
N TRP A 298 8.96 -30.42 -13.85
CA TRP A 298 8.69 -29.16 -13.13
C TRP A 298 9.04 -27.93 -13.99
N THR A 299 10.16 -28.01 -14.73
CA THR A 299 10.61 -26.97 -15.66
C THR A 299 9.54 -26.74 -16.71
N LEU A 300 9.02 -27.83 -17.34
CA LEU A 300 7.97 -27.75 -18.39
C LEU A 300 6.66 -27.22 -17.82
N PHE A 301 6.27 -27.71 -16.63
CA PHE A 301 5.09 -27.24 -15.91
C PHE A 301 5.19 -25.72 -15.60
N GLY A 302 6.38 -25.29 -15.20
CA GLY A 302 6.68 -23.90 -14.90
C GLY A 302 6.66 -22.96 -16.10
N CYS A 303 6.62 -23.50 -17.34
CA CYS A 303 6.61 -22.65 -18.55
C CYS A 303 5.47 -22.93 -19.54
N PHE A 304 4.94 -24.17 -19.57
CA PHE A 304 3.93 -24.61 -20.55
C PHE A 304 2.49 -24.83 -20.04
N TRP A 305 2.30 -25.06 -18.73
CA TRP A 305 0.97 -25.24 -18.14
C TRP A 305 0.21 -23.89 -18.25
N THR A 306 -1.14 -23.89 -18.24
CA THR A 306 -1.97 -22.68 -18.54
C THR A 306 -1.59 -22.20 -19.97
N ASN A 307 -1.18 -23.15 -20.86
CA ASN A 307 -0.72 -22.86 -22.24
C ASN A 307 0.34 -21.76 -22.29
N GLY A 308 1.18 -21.72 -21.24
CA GLY A 308 2.27 -20.78 -21.06
C GLY A 308 1.87 -19.40 -20.58
N GLN A 309 0.58 -19.22 -20.28
CA GLN A 309 0.02 -17.93 -19.89
C GLN A 309 -0.03 -17.86 -18.34
N ILE A 310 1.17 -18.01 -17.73
CA ILE A 310 1.40 -18.05 -16.27
C ILE A 310 2.10 -16.77 -15.87
N CYS A 311 1.49 -15.94 -14.99
CA CYS A 311 2.20 -14.71 -14.58
C CYS A 311 3.54 -15.01 -13.95
N SER A 312 3.57 -16.05 -13.10
CA SER A 312 4.75 -16.51 -12.38
C SER A 312 5.56 -17.55 -13.18
N ALA A 313 5.33 -17.65 -14.52
CA ALA A 313 6.06 -18.62 -15.37
C ALA A 313 7.55 -18.58 -15.10
N THR A 314 8.15 -19.74 -14.86
CA THR A 314 9.62 -19.80 -14.76
C THR A 314 10.12 -19.91 -16.21
N SER A 315 9.95 -18.81 -16.93
CA SER A 315 10.23 -18.65 -18.37
C SER A 315 11.72 -18.62 -18.76
N ARG A 316 12.62 -18.50 -17.76
CA ARG A 316 14.07 -18.53 -17.94
C ARG A 316 14.63 -19.72 -17.18
N LEU A 317 15.13 -20.71 -17.92
CA LEU A 317 15.77 -21.85 -17.29
C LEU A 317 17.25 -21.55 -17.19
N LEU A 318 17.79 -21.67 -15.96
CA LEU A 318 19.23 -21.53 -15.69
C LEU A 318 19.70 -22.92 -15.31
N ILE A 319 20.36 -23.57 -16.27
CA ILE A 319 20.80 -24.95 -16.17
C ILE A 319 22.33 -25.09 -16.03
N HIS A 320 22.73 -25.93 -15.07
CA HIS A 320 24.12 -26.21 -14.80
C HIS A 320 24.77 -26.84 -16.04
N THR A 321 25.92 -26.28 -16.43
CA THR A 321 26.74 -26.71 -17.57
C THR A 321 27.00 -28.25 -17.64
N LYS A 322 27.20 -28.91 -16.46
CA LYS A 322 27.50 -30.35 -16.37
C LYS A 322 26.37 -31.20 -16.88
N ILE A 323 25.11 -30.76 -16.70
CA ILE A 323 23.96 -31.56 -17.12
C ILE A 323 23.13 -30.89 -18.24
N ALA A 324 23.53 -29.68 -18.71
CA ALA A 324 22.77 -28.92 -19.71
C ALA A 324 22.34 -29.70 -20.95
N LYS A 325 23.31 -30.40 -21.59
CA LYS A 325 23.08 -31.18 -22.81
C LYS A 325 22.06 -32.28 -22.64
N LYS A 326 22.22 -33.12 -21.62
CA LYS A 326 21.29 -34.20 -21.29
C LYS A 326 19.90 -33.60 -20.90
N PHE A 327 19.92 -32.49 -20.12
CA PHE A 327 18.69 -31.82 -19.70
C PHE A 327 17.85 -31.32 -20.89
N ASN A 328 18.49 -30.66 -21.87
CA ASN A 328 17.80 -30.17 -23.06
C ASN A 328 17.20 -31.33 -23.86
N GLU A 329 17.94 -32.43 -24.02
CA GLU A 329 17.51 -33.62 -24.73
C GLU A 329 16.27 -34.22 -24.04
N ARG A 330 16.31 -34.34 -22.69
CA ARG A 330 15.16 -34.87 -21.95
C ARG A 330 13.96 -33.92 -21.99
N MET A 331 14.20 -32.59 -21.99
CA MET A 331 13.12 -31.59 -22.10
C MET A 331 12.41 -31.74 -23.44
N VAL A 332 13.18 -31.94 -24.55
CA VAL A 332 12.62 -32.12 -25.90
C VAL A 332 11.80 -33.40 -25.98
N ALA A 333 12.27 -34.50 -25.35
CA ALA A 333 11.53 -35.77 -25.33
C ALA A 333 10.19 -35.62 -24.59
N TRP A 334 10.20 -34.94 -23.43
CA TRP A 334 8.97 -34.73 -22.66
C TRP A 334 8.00 -33.79 -23.39
N ALA A 335 8.52 -32.69 -23.98
CA ALA A 335 7.74 -31.67 -24.69
C ALA A 335 7.00 -32.27 -25.89
N LYS A 336 7.71 -33.08 -26.71
CA LYS A 336 7.15 -33.76 -27.89
C LYS A 336 6.09 -34.80 -27.50
N ASN A 337 6.05 -35.18 -26.21
CA ASN A 337 5.07 -36.13 -25.69
C ASN A 337 3.82 -35.44 -25.08
N ILE A 338 3.77 -34.09 -25.10
CA ILE A 338 2.59 -33.36 -24.58
C ILE A 338 1.49 -33.40 -25.62
N LYS A 339 0.29 -33.91 -25.25
CA LYS A 339 -0.86 -33.96 -26.17
C LYS A 339 -1.43 -32.56 -26.38
N VAL A 340 -1.26 -32.03 -27.61
CA VAL A 340 -1.75 -30.72 -28.01
C VAL A 340 -3.09 -30.96 -28.74
N SER A 341 -4.18 -30.35 -28.24
CA SER A 341 -5.50 -30.58 -28.81
C SER A 341 -6.54 -29.63 -28.26
N ASP A 342 -7.78 -29.79 -28.77
CA ASP A 342 -8.99 -29.16 -28.27
C ASP A 342 -8.95 -29.42 -26.74
N PRO A 343 -9.09 -28.37 -25.89
CA PRO A 343 -9.02 -28.60 -24.43
C PRO A 343 -10.12 -29.47 -23.86
N LEU A 344 -11.19 -29.74 -24.63
CA LEU A 344 -12.28 -30.63 -24.18
C LEU A 344 -11.99 -32.10 -24.49
N GLU A 345 -10.99 -32.36 -25.36
CA GLU A 345 -10.61 -33.73 -25.71
C GLU A 345 -9.88 -34.41 -24.55
N GLU A 346 -10.21 -35.68 -24.29
CA GLU A 346 -9.57 -36.46 -23.22
C GLU A 346 -8.03 -36.46 -23.39
N GLY A 347 -7.33 -36.30 -22.26
CA GLY A 347 -5.88 -36.28 -22.20
C GLY A 347 -5.20 -35.00 -22.65
N CYS A 348 -5.98 -33.92 -22.99
CA CYS A 348 -5.38 -32.65 -23.39
C CYS A 348 -4.40 -32.14 -22.35
N ARG A 349 -3.18 -31.82 -22.79
CA ARG A 349 -2.15 -31.27 -21.93
C ARG A 349 -1.65 -29.91 -22.38
N LEU A 350 -2.15 -29.43 -23.53
CA LEU A 350 -1.85 -28.13 -24.11
C LEU A 350 -2.94 -27.75 -25.08
N GLY A 351 -3.63 -26.68 -24.76
CA GLY A 351 -4.70 -26.14 -25.57
C GLY A 351 -4.19 -24.98 -26.39
N PRO A 352 -5.08 -24.28 -27.13
CA PRO A 352 -4.60 -23.11 -27.87
C PRO A 352 -4.43 -21.90 -26.94
N VAL A 353 -3.77 -20.86 -27.43
CA VAL A 353 -3.64 -19.62 -26.67
C VAL A 353 -4.98 -18.87 -26.81
N VAL A 354 -5.30 -17.98 -25.87
CA VAL A 354 -6.56 -17.25 -25.72
C VAL A 354 -7.15 -16.56 -26.96
N SER A 355 -6.32 -15.85 -27.73
CA SER A 355 -6.79 -15.04 -28.83
C SER A 355 -5.82 -14.99 -30.00
N GLU A 356 -6.27 -14.37 -31.12
CA GLU A 356 -5.51 -14.15 -32.35
C GLU A 356 -4.38 -13.13 -32.10
N GLY A 357 -4.69 -12.08 -31.35
CA GLY A 357 -3.74 -11.04 -30.96
C GLY A 357 -2.58 -11.60 -30.16
N GLN A 358 -2.90 -12.49 -29.17
CA GLN A 358 -1.89 -13.18 -28.36
C GLN A 358 -1.06 -14.16 -29.20
N TYR A 359 -1.73 -14.98 -30.05
CA TYR A 359 -1.12 -15.94 -30.99
C TYR A 359 -0.09 -15.21 -31.89
N GLU A 360 -0.47 -14.08 -32.48
CA GLU A 360 0.42 -13.24 -33.30
C GLU A 360 1.59 -12.65 -32.48
N LYS A 361 1.31 -12.18 -31.22
CA LYS A 361 2.35 -11.60 -30.35
C LYS A 361 3.39 -12.68 -30.03
N ILE A 362 2.94 -13.91 -29.72
CA ILE A 362 3.84 -15.03 -29.41
C ILE A 362 4.71 -15.40 -30.64
N LYS A 363 4.09 -15.46 -31.84
CA LYS A 363 4.78 -15.78 -33.09
C LYS A 363 5.87 -14.76 -33.37
N LYS A 364 5.58 -13.48 -33.06
CA LYS A 364 6.53 -12.39 -33.23
C LYS A 364 7.71 -12.52 -32.27
N PHE A 365 7.46 -12.96 -31.00
CA PHE A 365 8.55 -13.17 -30.04
C PHE A 365 9.47 -14.30 -30.55
N ILE A 366 8.90 -15.39 -31.11
CA ILE A 366 9.67 -16.52 -31.63
C ILE A 366 10.52 -16.08 -32.86
N SER A 367 9.93 -15.29 -33.80
CA SER A 367 10.68 -14.87 -34.99
C SER A 367 11.78 -13.87 -34.66
N ASN A 368 11.52 -12.98 -33.68
CA ASN A 368 12.52 -12.03 -33.20
C ASN A 368 13.70 -12.75 -32.53
N ALA A 369 13.44 -13.88 -31.85
CA ALA A 369 14.48 -14.67 -31.19
C ALA A 369 15.36 -15.32 -32.26
N LYS A 370 14.74 -15.95 -33.28
CA LYS A 370 15.39 -16.59 -34.42
C LYS A 370 16.26 -15.54 -35.14
N SER A 371 15.71 -14.32 -35.35
CA SER A 371 16.38 -13.19 -35.98
C SER A 371 17.52 -12.65 -35.14
N GLN A 372 17.42 -12.77 -33.80
CA GLN A 372 18.47 -12.29 -32.88
C GLN A 372 19.61 -13.30 -32.68
N GLY A 373 19.52 -14.46 -33.33
CA GLY A 373 20.55 -15.49 -33.32
C GLY A 373 20.32 -16.65 -32.38
N ALA A 374 19.14 -16.72 -31.74
CA ALA A 374 18.83 -17.82 -30.82
C ALA A 374 18.48 -19.11 -31.55
N THR A 375 18.62 -20.26 -30.86
CA THR A 375 18.29 -21.56 -31.43
C THR A 375 16.89 -22.04 -31.01
N ILE A 376 16.04 -22.39 -31.99
CA ILE A 376 14.74 -23.00 -31.71
C ILE A 376 15.04 -24.49 -31.56
N LEU A 377 15.23 -24.95 -30.31
CA LEU A 377 15.56 -26.33 -30.02
C LEU A 377 14.42 -27.29 -30.40
N THR A 378 13.16 -26.85 -30.17
CA THR A 378 11.94 -27.60 -30.49
C THR A 378 10.74 -26.65 -30.57
N GLY A 379 9.71 -27.07 -31.31
CA GLY A 379 8.47 -26.31 -31.48
C GLY A 379 8.68 -25.03 -32.25
N GLY A 380 8.06 -23.93 -31.81
CA GLY A 380 8.17 -22.63 -32.48
C GLY A 380 7.30 -22.50 -33.71
N VAL A 381 6.41 -23.49 -33.94
CA VAL A 381 5.49 -23.53 -35.08
C VAL A 381 4.14 -24.06 -34.62
N ARG A 382 3.08 -23.86 -35.44
CA ARG A 382 1.77 -24.43 -35.11
C ARG A 382 1.78 -25.95 -35.35
N PRO A 383 1.06 -26.76 -34.55
CA PRO A 383 1.07 -28.22 -34.79
C PRO A 383 0.49 -28.57 -36.15
N ALA A 384 1.16 -29.47 -36.88
CA ALA A 384 0.77 -29.94 -38.21
C ALA A 384 -0.65 -30.54 -38.25
N HIS A 385 -1.03 -31.28 -37.19
CA HIS A 385 -2.33 -31.95 -37.06
C HIS A 385 -3.55 -31.06 -36.72
N LEU A 386 -3.34 -29.74 -36.49
CA LEU A 386 -4.41 -28.79 -36.13
C LEU A 386 -4.40 -27.59 -37.09
N GLU A 387 -5.31 -27.62 -38.08
CA GLU A 387 -5.42 -26.58 -39.11
C GLU A 387 -6.03 -25.27 -38.57
N LYS A 388 -6.99 -25.41 -37.64
CA LYS A 388 -7.65 -24.24 -37.04
C LYS A 388 -7.28 -24.08 -35.56
N GLY A 389 -7.46 -22.87 -35.03
CA GLY A 389 -7.20 -22.56 -33.64
C GLY A 389 -5.86 -21.89 -33.43
N PHE A 390 -5.71 -21.19 -32.30
CA PHE A 390 -4.48 -20.47 -31.96
C PHE A 390 -3.46 -21.38 -31.26
N PHE A 391 -3.16 -22.51 -31.92
CA PHE A 391 -2.25 -23.53 -31.41
C PHE A 391 -0.81 -23.26 -31.77
N ILE A 392 0.08 -23.40 -30.74
CA ILE A 392 1.53 -23.23 -30.86
C ILE A 392 2.15 -24.40 -30.15
N GLU A 393 3.10 -25.11 -30.81
CA GLU A 393 3.77 -26.25 -30.16
C GLU A 393 4.60 -25.81 -28.92
N PRO A 394 4.80 -26.70 -27.91
CA PRO A 394 5.70 -26.34 -26.78
C PRO A 394 7.06 -25.95 -27.37
N THR A 395 7.56 -24.77 -27.00
CA THR A 395 8.78 -24.18 -27.57
C THR A 395 9.90 -24.01 -26.56
N ILE A 396 11.12 -24.43 -26.96
CA ILE A 396 12.34 -24.27 -26.16
C ILE A 396 13.37 -23.55 -27.00
N ILE A 397 13.87 -22.43 -26.49
CA ILE A 397 14.86 -21.59 -27.16
C ILE A 397 16.17 -21.59 -26.37
N THR A 398 17.26 -22.02 -27.06
CA THR A 398 18.60 -22.14 -26.48
C THR A 398 19.60 -21.14 -27.11
N ASP A 399 20.86 -21.15 -26.63
CA ASP A 399 21.94 -20.28 -27.13
C ASP A 399 21.55 -18.80 -27.01
N ILE A 400 20.87 -18.51 -25.89
CA ILE A 400 20.34 -17.22 -25.46
C ILE A 400 21.48 -16.32 -25.02
N THR A 401 21.25 -15.03 -25.15
CA THR A 401 22.14 -13.97 -24.76
C THR A 401 21.25 -13.00 -23.94
N THR A 402 21.79 -12.40 -22.86
CA THR A 402 21.01 -11.51 -21.98
C THR A 402 20.53 -10.20 -22.63
N SER A 403 21.05 -9.87 -23.82
CA SER A 403 20.60 -8.69 -24.56
C SER A 403 19.36 -9.02 -25.40
N MET A 404 19.03 -10.31 -25.57
CA MET A 404 17.90 -10.71 -26.42
C MET A 404 16.56 -10.32 -25.81
N GLU A 405 15.59 -9.96 -26.68
CA GLU A 405 14.22 -9.61 -26.29
C GLU A 405 13.57 -10.77 -25.50
N ILE A 406 13.78 -12.02 -25.97
CA ILE A 406 13.23 -13.24 -25.40
C ILE A 406 13.68 -13.47 -23.92
N TRP A 407 14.86 -12.94 -23.54
CA TRP A 407 15.38 -13.04 -22.17
C TRP A 407 14.70 -12.01 -21.27
N ARG A 408 14.49 -10.82 -21.83
CA ARG A 408 14.03 -9.65 -21.12
C ARG A 408 12.52 -9.56 -20.93
N GLU A 409 11.77 -9.91 -21.99
CA GLU A 409 10.33 -9.66 -22.03
C GLU A 409 9.45 -10.84 -21.78
N GLU A 410 8.27 -10.57 -21.17
CA GLU A 410 7.27 -11.59 -20.90
C GLU A 410 6.61 -11.96 -22.24
N VAL A 411 6.67 -13.25 -22.60
CA VAL A 411 6.16 -13.81 -23.85
C VAL A 411 4.71 -14.23 -23.72
N PHE A 412 4.39 -14.92 -22.59
CA PHE A 412 3.01 -15.35 -22.30
C PHE A 412 2.47 -16.40 -23.28
N GLY A 413 3.37 -17.27 -23.73
CA GLY A 413 3.10 -18.42 -24.58
C GLY A 413 3.91 -19.60 -24.07
N PRO A 414 3.71 -20.84 -24.60
CA PRO A 414 4.49 -21.98 -24.10
C PRO A 414 5.90 -21.95 -24.70
N VAL A 415 6.69 -20.96 -24.26
CA VAL A 415 8.01 -20.61 -24.78
C VAL A 415 9.03 -20.45 -23.67
N LEU A 416 9.98 -21.38 -23.62
CA LEU A 416 11.04 -21.43 -22.62
C LEU A 416 12.39 -21.00 -23.20
N CYS A 417 13.12 -20.14 -22.46
CA CYS A 417 14.46 -19.78 -22.87
CA CYS A 417 14.46 -19.60 -22.71
C CYS A 417 15.47 -20.40 -21.91
N VAL A 418 16.63 -20.81 -22.49
CA VAL A 418 17.63 -21.56 -21.74
C VAL A 418 19.03 -20.88 -21.70
N LYS A 419 19.54 -20.67 -20.48
CA LYS A 419 20.85 -20.10 -20.23
C LYS A 419 21.65 -21.06 -19.37
N GLU A 420 22.91 -21.34 -19.76
CA GLU A 420 23.75 -22.24 -19.00
C GLU A 420 24.61 -21.44 -18.03
N PHE A 421 24.93 -22.05 -16.88
CA PHE A 421 25.74 -21.42 -15.84
C PHE A 421 26.76 -22.44 -15.31
N SER A 422 27.86 -21.98 -14.75
CA SER A 422 28.83 -22.91 -14.21
C SER A 422 29.11 -22.62 -12.72
N THR A 423 28.78 -21.38 -12.24
CA THR A 423 28.97 -21.01 -10.84
C THR A 423 27.68 -20.48 -10.20
N GLU A 424 27.60 -20.56 -8.86
CA GLU A 424 26.45 -20.12 -8.09
C GLU A 424 26.28 -18.59 -8.17
N ASP A 425 27.39 -17.84 -8.06
CA ASP A 425 27.39 -16.39 -8.21
C ASP A 425 26.84 -15.99 -9.60
N GLU A 426 27.21 -16.74 -10.65
CA GLU A 426 26.75 -16.52 -12.02
C GLU A 426 25.24 -16.83 -12.11
N ALA A 427 24.78 -18.02 -11.58
CA ALA A 427 23.36 -18.39 -11.54
C ALA A 427 22.52 -17.30 -10.83
N ILE A 428 23.00 -16.77 -9.67
CA ILE A 428 22.31 -15.70 -8.92
C ILE A 428 22.26 -14.39 -9.73
N GLU A 429 23.42 -13.96 -10.30
CA GLU A 429 23.45 -12.74 -11.12
C GLU A 429 22.45 -12.86 -12.29
N LEU A 430 22.45 -14.01 -12.98
CA LEU A 430 21.50 -14.30 -14.07
C LEU A 430 20.05 -14.34 -13.58
N ALA A 431 19.81 -15.00 -12.43
CA ALA A 431 18.45 -15.08 -11.87
C ALA A 431 17.91 -13.67 -11.60
N ASN A 432 18.76 -12.77 -11.06
CA ASN A 432 18.33 -11.41 -10.73
C ASN A 432 18.42 -10.40 -11.88
N ASP A 433 18.87 -10.86 -13.08
CA ASP A 433 19.03 -10.03 -14.28
C ASP A 433 17.70 -9.82 -14.99
N THR A 434 16.78 -9.11 -14.31
CA THR A 434 15.43 -8.83 -14.77
C THR A 434 14.93 -7.57 -14.04
N GLN A 435 14.05 -6.81 -14.68
CA GLN A 435 13.42 -5.68 -14.00
C GLN A 435 12.11 -6.14 -13.33
N TYR A 436 11.80 -7.45 -13.45
CA TYR A 436 10.64 -8.07 -12.79
C TYR A 436 11.08 -8.71 -11.44
N GLY A 437 10.13 -9.27 -10.72
CA GLY A 437 10.39 -9.89 -9.41
C GLY A 437 9.18 -10.55 -8.79
N LEU A 438 8.41 -11.30 -9.60
CA LEU A 438 7.24 -12.00 -9.10
C LEU A 438 7.59 -13.28 -8.38
N ALA A 439 8.38 -14.15 -9.02
CA ALA A 439 8.66 -15.45 -8.44
C ALA A 439 10.02 -15.98 -8.89
N GLY A 440 10.33 -17.16 -8.42
CA GLY A 440 11.56 -17.85 -8.79
C GLY A 440 11.53 -19.26 -8.25
N ALA A 441 12.46 -20.10 -8.72
CA ALA A 441 12.55 -21.49 -8.30
C ALA A 441 14.00 -21.97 -8.36
N VAL A 442 14.32 -22.92 -7.48
CA VAL A 442 15.62 -23.57 -7.37
C VAL A 442 15.37 -25.06 -7.22
N ILE A 443 16.13 -25.90 -7.96
CA ILE A 443 16.03 -27.35 -7.87
C ILE A 443 17.45 -27.88 -7.66
N SER A 444 17.69 -28.50 -6.49
CA SER A 444 19.01 -29.04 -6.13
C SER A 444 18.86 -30.01 -4.98
N GLY A 445 19.66 -31.08 -5.01
CA GLY A 445 19.70 -32.06 -3.92
C GLY A 445 20.36 -31.49 -2.68
N ASP A 446 21.13 -30.39 -2.83
CA ASP A 446 21.80 -29.71 -1.71
C ASP A 446 20.82 -28.68 -1.10
N ARG A 447 20.36 -28.96 0.12
CA ARG A 447 19.41 -28.14 0.87
C ARG A 447 19.94 -26.75 1.27
N GLU A 448 21.21 -26.68 1.74
CA GLU A 448 21.88 -25.44 2.11
C GLU A 448 21.99 -24.51 0.86
N ARG A 449 22.24 -25.11 -0.33
CA ARG A 449 22.30 -24.38 -1.60
C ARG A 449 20.91 -23.84 -1.95
N CYS A 450 19.86 -24.67 -1.78
CA CYS A 450 18.46 -24.28 -2.01
C CYS A 450 18.11 -23.07 -1.12
N GLN A 451 18.58 -23.06 0.16
CA GLN A 451 18.36 -21.97 1.11
C GLN A 451 19.11 -20.73 0.62
N ARG A 452 20.39 -20.87 0.21
CA ARG A 452 21.12 -19.72 -0.32
C ARG A 452 20.35 -19.05 -1.46
N LEU A 453 19.91 -19.85 -2.46
CA LEU A 453 19.16 -19.32 -3.60
C LEU A 453 17.82 -18.68 -3.21
N SER A 454 17.11 -19.26 -2.20
CA SER A 454 15.82 -18.70 -1.74
C SER A 454 16.00 -17.30 -1.11
N GLU A 455 17.18 -17.07 -0.51
CA GLU A 455 17.50 -15.78 0.12
C GLU A 455 17.97 -14.75 -0.92
N GLU A 456 18.73 -15.20 -1.94
CA GLU A 456 19.35 -14.33 -2.96
C GLU A 456 18.45 -13.89 -4.14
N ILE A 457 17.52 -14.75 -4.57
CA ILE A 457 16.63 -14.42 -5.69
C ILE A 457 15.63 -13.37 -5.20
N ASP A 458 15.60 -12.20 -5.86
CA ASP A 458 14.72 -11.11 -5.44
C ASP A 458 13.31 -11.28 -6.03
N ALA A 459 12.39 -11.92 -5.26
CA ALA A 459 11.02 -12.20 -5.70
C ALA A 459 10.06 -12.45 -4.51
N GLY A 460 8.74 -12.38 -4.77
CA GLY A 460 7.74 -12.60 -3.73
C GLY A 460 7.51 -14.06 -3.37
N CYS A 461 7.80 -14.96 -4.31
CA CYS A 461 7.60 -16.38 -4.07
C CYS A 461 8.75 -17.22 -4.62
N ILE A 462 9.40 -18.04 -3.76
CA ILE A 462 10.47 -18.94 -4.23
C ILE A 462 10.04 -20.37 -4.01
N TRP A 463 9.92 -21.14 -5.12
CA TRP A 463 9.62 -22.56 -5.04
C TRP A 463 10.93 -23.34 -4.91
N VAL A 464 10.93 -24.40 -4.11
CA VAL A 464 12.10 -25.27 -3.90
C VAL A 464 11.70 -26.66 -4.37
N ASN A 465 12.49 -27.22 -5.34
CA ASN A 465 12.28 -28.56 -5.94
C ASN A 465 10.91 -28.71 -6.63
N CYS A 466 10.40 -27.59 -7.16
CA CYS A 466 9.14 -27.51 -7.90
C CYS A 466 9.06 -26.13 -8.53
N SER A 467 7.96 -25.87 -9.25
CA SER A 467 7.67 -24.57 -9.87
C SER A 467 6.16 -24.48 -10.07
N GLN A 468 5.55 -23.36 -9.61
CA GLN A 468 4.11 -23.03 -9.76
C GLN A 468 3.12 -23.32 -8.59
N PRO A 469 3.25 -24.34 -7.70
CA PRO A 469 2.18 -24.55 -6.69
C PRO A 469 1.82 -23.29 -5.90
N CYS A 470 0.58 -22.81 -6.12
CA CYS A 470 0.09 -21.58 -5.52
C CYS A 470 -1.07 -21.83 -4.58
N PHE A 471 -0.81 -21.69 -3.26
CA PHE A 471 -1.77 -21.92 -2.17
C PHE A 471 -2.33 -20.61 -1.67
N CYS A 472 -3.66 -20.56 -1.49
CA CYS A 472 -4.27 -19.32 -1.00
CA CYS A 472 -4.45 -19.46 -0.93
C CYS A 472 -3.92 -19.09 0.47
N GLN A 473 -3.38 -20.12 1.20
CA GLN A 473 -2.88 -19.99 2.58
C GLN A 473 -1.64 -19.08 2.67
N ALA A 474 -0.94 -18.86 1.54
CA ALA A 474 0.33 -18.10 1.51
C ALA A 474 0.26 -16.76 0.75
N PRO A 475 0.96 -15.70 1.23
CA PRO A 475 0.91 -14.40 0.54
C PRO A 475 1.58 -14.43 -0.83
N TRP A 476 1.05 -13.64 -1.75
CA TRP A 476 1.43 -13.67 -3.16
C TRP A 476 1.61 -12.28 -3.71
N GLY A 477 2.74 -12.03 -4.34
CA GLY A 477 2.93 -10.71 -4.92
C GLY A 477 4.31 -10.53 -5.49
N GLY A 478 4.52 -9.39 -6.13
CA GLY A 478 5.79 -9.10 -6.76
C GLY A 478 6.53 -7.93 -6.20
N ASN A 479 7.76 -7.80 -6.70
CA ASN A 479 8.69 -6.71 -6.41
C ASN A 479 9.03 -6.09 -7.75
N LYS A 480 9.57 -4.85 -7.75
CA LYS A 480 10.02 -4.13 -8.93
C LYS A 480 8.92 -3.95 -9.98
N ARG A 481 9.16 -4.28 -11.25
CA ARG A 481 8.14 -4.17 -12.30
C ARG A 481 7.00 -5.19 -12.21
N SER A 482 7.08 -6.12 -11.24
CA SER A 482 6.00 -7.07 -10.98
C SER A 482 4.94 -6.47 -10.04
N GLY A 483 5.15 -5.22 -9.61
CA GLY A 483 4.20 -4.46 -8.80
C GLY A 483 4.57 -4.33 -7.34
N PHE A 484 3.57 -4.29 -6.45
CA PHE A 484 3.76 -4.20 -5.00
C PHE A 484 2.53 -4.72 -4.27
N GLY A 485 2.68 -4.97 -2.99
CA GLY A 485 1.61 -5.52 -2.18
C GLY A 485 1.58 -7.03 -2.29
N ARG A 486 0.83 -7.65 -1.37
CA ARG A 486 0.65 -9.10 -1.31
C ARG A 486 -0.83 -9.43 -1.21
N GLU A 487 -1.28 -10.44 -1.96
CA GLU A 487 -2.64 -10.92 -1.91
C GLU A 487 -2.64 -12.26 -1.24
N LEU A 488 -3.84 -12.73 -0.80
CA LEU A 488 -4.04 -14.06 -0.19
C LEU A 488 -3.30 -14.20 1.14
N GLY A 489 -3.24 -15.40 1.68
CA GLY A 489 -2.62 -15.63 2.97
C GLY A 489 -3.41 -14.97 4.10
N GLU A 490 -2.86 -15.04 5.32
CA GLU A 490 -3.49 -14.49 6.54
C GLU A 490 -3.70 -12.99 6.51
N GLY A 491 -2.89 -12.28 5.72
CA GLY A 491 -2.98 -10.84 5.58
C GLY A 491 -3.80 -10.36 4.40
N GLY A 492 -4.28 -11.29 3.57
CA GLY A 492 -5.06 -11.01 2.36
C GLY A 492 -6.32 -10.17 2.63
N ILE A 493 -7.05 -10.48 3.70
CA ILE A 493 -8.25 -9.70 4.06
C ILE A 493 -7.89 -8.22 4.42
N ASP A 494 -6.66 -7.99 4.94
CA ASP A 494 -6.23 -6.65 5.39
C ASP A 494 -6.03 -5.65 4.27
N ASN A 495 -5.92 -6.14 3.01
CA ASN A 495 -5.83 -5.25 1.82
C ASN A 495 -7.17 -4.50 1.65
N TYR A 496 -8.22 -5.04 2.24
CA TYR A 496 -9.61 -4.51 2.12
C TYR A 496 -10.16 -3.92 3.40
N LEU A 497 -9.29 -3.77 4.39
CA LEU A 497 -9.64 -3.22 5.69
C LEU A 497 -8.80 -2.00 5.95
N SER A 498 -9.37 -1.06 6.70
CA SER A 498 -8.73 0.19 7.09
C SER A 498 -8.78 0.21 8.62
N VAL A 499 -7.60 0.37 9.26
CA VAL A 499 -7.51 0.41 10.71
C VAL A 499 -7.92 1.79 11.23
N LYS A 500 -8.73 1.76 12.28
CA LYS A 500 -9.14 2.96 12.98
C LYS A 500 -8.74 2.78 14.45
N GLN A 501 -7.93 3.69 15.00
CA GLN A 501 -7.66 3.65 16.44
C GLN A 501 -8.73 4.49 17.16
N VAL A 502 -9.16 4.03 18.35
CA VAL A 502 -10.14 4.75 19.17
C VAL A 502 -9.41 4.99 20.50
N THR A 503 -8.96 6.22 20.69
CA THR A 503 -8.13 6.63 21.83
C THR A 503 -8.94 7.52 22.77
N GLU A 504 -9.15 7.03 24.02
CA GLU A 504 -9.97 7.72 25.00
C GLU A 504 -9.21 8.18 26.25
N TYR A 505 -9.45 9.44 26.65
CA TYR A 505 -8.89 10.05 27.86
C TYR A 505 -9.82 9.65 28.99
N ILE A 506 -9.30 8.85 29.95
CA ILE A 506 -10.11 8.29 31.04
C ILE A 506 -9.93 9.01 32.40
N SER A 507 -8.97 9.95 32.47
CA SER A 507 -8.69 10.70 33.69
C SER A 507 -9.78 11.74 33.99
N ASP A 508 -10.11 11.92 35.28
CA ASP A 508 -11.08 12.93 35.72
C ASP A 508 -10.40 14.29 35.90
N GLU A 509 -9.07 14.35 35.77
CA GLU A 509 -8.31 15.58 35.89
C GLU A 509 -8.41 16.38 34.59
N PRO A 510 -8.37 17.75 34.66
CA PRO A 510 -8.34 18.53 33.41
C PRO A 510 -7.03 18.25 32.69
N TRP A 511 -6.95 18.50 31.37
CA TRP A 511 -5.72 18.26 30.60
C TRP A 511 -4.52 19.04 31.16
N GLY A 512 -4.78 20.28 31.59
CA GLY A 512 -3.78 21.11 32.26
C GLY A 512 -2.62 21.61 31.43
N TRP A 513 -2.82 21.70 30.10
CA TRP A 513 -1.80 22.22 29.22
C TRP A 513 -1.88 23.74 29.18
N TYR A 514 -3.10 24.26 29.05
CA TYR A 514 -3.36 25.69 29.00
C TYR A 514 -3.81 26.15 30.38
N GLN A 515 -3.68 27.45 30.66
CA GLN A 515 -4.18 27.89 31.96
C GLN A 515 -5.60 28.42 31.92
N SER A 516 -6.42 27.99 32.88
CA SER A 516 -7.80 28.43 33.05
C SER A 516 -7.79 29.97 33.22
N PRO A 517 -8.72 30.72 32.60
CA PRO A 517 -8.67 32.19 32.74
C PRO A 517 -9.13 32.65 34.12
N SER A 518 -8.22 33.30 34.86
CA SER A 518 -8.46 33.78 36.22
C SER A 518 -8.01 35.24 36.40
N LYS A 519 -7.21 35.77 35.48
CA LYS A 519 -6.73 37.15 35.54
C LYS A 519 -7.83 38.20 35.71
N LEU A 520 -7.51 39.29 36.40
CA LEU A 520 -8.50 40.34 36.64
C LEU A 520 -8.88 41.08 35.37
N MET B 21 23.26 31.25 15.35
CA MET B 21 22.48 30.67 16.45
C MET B 21 22.32 29.14 16.30
N VAL B 22 22.44 28.64 15.07
CA VAL B 22 22.31 27.20 14.76
C VAL B 22 23.64 26.65 14.21
N PRO B 23 23.95 25.34 14.35
CA PRO B 23 25.20 24.81 13.79
C PRO B 23 25.30 24.94 12.27
N LEU B 24 26.52 24.88 11.73
CA LEU B 24 26.72 24.92 10.29
C LEU B 24 27.14 23.53 9.89
N ARG B 25 26.20 22.76 9.32
CA ARG B 25 26.43 21.39 8.92
C ARG B 25 26.40 21.28 7.40
N GLN B 26 26.77 20.11 6.88
CA GLN B 26 26.77 19.79 5.45
C GLN B 26 25.72 18.67 5.22
N LEU B 27 25.62 18.13 3.99
CA LEU B 27 24.75 16.99 3.72
C LEU B 27 25.42 15.77 4.34
N PHE B 28 24.66 14.76 4.76
CA PHE B 28 25.22 13.53 5.33
C PHE B 28 25.05 12.42 4.32
N VAL B 29 26.16 12.03 3.67
CA VAL B 29 26.20 11.00 2.62
C VAL B 29 27.39 10.06 2.91
N ASP B 30 27.10 8.75 2.89
CA ASP B 30 28.07 7.67 3.13
C ASP B 30 28.86 7.81 4.44
N GLY B 31 28.16 8.18 5.53
CA GLY B 31 28.71 8.33 6.87
C GLY B 31 29.64 9.52 7.09
N GLU B 32 29.77 10.39 6.07
CA GLU B 32 30.64 11.56 6.12
C GLU B 32 29.87 12.85 5.78
N TRP B 33 30.39 14.01 6.23
CA TRP B 33 29.82 15.32 5.91
C TRP B 33 30.24 15.67 4.49
N ARG B 34 29.27 15.88 3.61
CA ARG B 34 29.49 16.21 2.21
C ARG B 34 28.89 17.58 1.85
N PRO B 35 29.65 18.49 1.21
CA PRO B 35 29.05 19.77 0.79
C PRO B 35 28.18 19.56 -0.45
N PRO B 36 27.19 20.42 -0.77
CA PRO B 36 26.38 20.17 -1.97
C PRO B 36 27.15 20.39 -3.27
N ALA B 37 26.98 19.47 -4.25
CA ALA B 37 27.67 19.49 -5.55
C ALA B 37 27.73 20.88 -6.22
N GLN B 38 26.62 21.64 -6.17
CA GLN B 38 26.53 22.97 -6.77
C GLN B 38 26.88 24.14 -5.82
N GLY B 39 27.25 23.80 -4.58
CA GLY B 39 27.67 24.75 -3.56
C GLY B 39 26.66 25.78 -3.09
N ARG B 40 25.37 25.60 -3.43
CA ARG B 40 24.30 26.53 -3.03
C ARG B 40 23.77 26.22 -1.63
N ARG B 41 23.22 27.27 -0.98
CA ARG B 41 22.71 27.19 0.40
C ARG B 41 21.34 27.88 0.52
N LEU B 42 20.62 27.56 1.60
CA LEU B 42 19.32 28.15 1.91
C LEU B 42 19.38 28.74 3.32
N PRO B 43 18.74 29.89 3.59
CA PRO B 43 18.80 30.44 4.95
C PRO B 43 17.95 29.68 5.97
N VAL B 44 18.34 29.81 7.24
CA VAL B 44 17.60 29.29 8.37
C VAL B 44 16.99 30.57 8.96
N VAL B 45 15.67 30.76 8.75
CA VAL B 45 14.94 31.96 9.20
C VAL B 45 14.26 31.70 10.56
N ASN B 46 14.58 32.56 11.54
CA ASN B 46 13.99 32.48 12.88
C ASN B 46 12.57 33.09 12.77
N PRO B 47 11.49 32.31 12.97
CA PRO B 47 10.13 32.89 12.85
C PRO B 47 9.77 33.96 13.88
N THR B 48 10.47 34.02 15.05
CA THR B 48 10.21 35.00 16.12
C THR B 48 10.72 36.39 15.73
N THR B 49 11.89 36.45 15.09
CA THR B 49 12.58 37.70 14.74
C THR B 49 12.55 38.05 13.26
N GLU B 50 12.32 37.05 12.38
CA GLU B 50 12.34 37.13 10.90
C GLU B 50 13.78 37.18 10.35
N ALA B 51 14.76 37.02 11.25
CA ALA B 51 16.19 37.06 10.94
C ALA B 51 16.77 35.71 10.56
N HIS B 52 17.81 35.75 9.72
CA HIS B 52 18.59 34.60 9.28
C HIS B 52 19.53 34.27 10.43
N ILE B 53 19.41 33.07 11.00
CA ILE B 53 20.20 32.58 12.15
C ILE B 53 21.17 31.44 11.72
N GLY B 54 21.30 31.25 10.42
CA GLY B 54 22.15 30.22 9.87
C GLY B 54 21.84 29.87 8.43
N GLU B 55 22.37 28.71 7.98
CA GLU B 55 22.24 28.18 6.62
C GLU B 55 22.29 26.65 6.56
N ILE B 56 21.55 26.08 5.60
CA ILE B 56 21.50 24.63 5.32
C ILE B 56 21.85 24.41 3.85
N PRO B 57 22.45 23.25 3.49
CA PRO B 57 22.76 23.02 2.07
C PRO B 57 21.51 22.98 1.19
N ALA B 58 21.62 23.53 -0.03
CA ALA B 58 20.56 23.51 -1.03
C ALA B 58 20.81 22.33 -1.99
N GLY B 59 20.50 21.12 -1.51
CA GLY B 59 20.68 19.86 -2.26
C GLY B 59 19.98 19.80 -3.59
N THR B 60 20.63 19.16 -4.58
CA THR B 60 20.11 19.00 -5.94
C THR B 60 20.12 17.51 -6.37
N ALA B 61 19.69 17.22 -7.61
CA ALA B 61 19.62 15.86 -8.20
C ALA B 61 20.90 15.04 -8.06
N GLU B 62 22.09 15.69 -8.17
CA GLU B 62 23.38 15.00 -8.03
C GLU B 62 23.62 14.53 -6.60
N ASP B 63 23.21 15.33 -5.61
CA ASP B 63 23.36 15.00 -4.19
C ASP B 63 22.47 13.82 -3.81
N VAL B 64 21.25 13.78 -4.40
CA VAL B 64 20.27 12.70 -4.20
C VAL B 64 20.86 11.41 -4.78
N ASP B 65 21.40 11.48 -6.02
CA ASP B 65 22.06 10.36 -6.70
C ASP B 65 23.18 9.75 -5.84
N ALA B 66 23.99 10.61 -5.18
CA ALA B 66 25.08 10.23 -4.31
C ALA B 66 24.57 9.56 -3.04
N ALA B 67 23.51 10.13 -2.43
CA ALA B 67 22.91 9.56 -1.22
C ALA B 67 22.25 8.21 -1.52
N VAL B 68 21.54 8.09 -2.69
CA VAL B 68 20.89 6.84 -3.11
C VAL B 68 21.99 5.80 -3.39
N ALA B 69 23.07 6.20 -4.13
CA ALA B 69 24.23 5.31 -4.42
C ALA B 69 24.83 4.77 -3.11
N ALA B 70 25.00 5.64 -2.10
CA ALA B 70 25.54 5.26 -0.80
C ALA B 70 24.60 4.32 -0.05
N ALA B 71 23.26 4.59 -0.09
CA ALA B 71 22.26 3.73 0.55
C ALA B 71 22.26 2.35 -0.13
N ARG B 72 22.32 2.32 -1.47
CA ARG B 72 22.38 1.07 -2.24
C ARG B 72 23.62 0.24 -1.85
N ALA B 73 24.82 0.86 -1.90
CA ALA B 73 26.10 0.21 -1.55
C ALA B 73 26.10 -0.33 -0.13
N ALA B 74 25.52 0.39 0.83
CA ALA B 74 25.45 -0.05 2.23
C ALA B 74 24.53 -1.25 2.45
N LEU B 75 23.43 -1.33 1.67
CA LEU B 75 22.46 -2.43 1.76
C LEU B 75 23.08 -3.76 1.28
N LYS B 76 23.82 -3.73 0.15
CA LYS B 76 24.44 -4.91 -0.46
C LYS B 76 25.80 -5.34 0.08
N ARG B 77 26.55 -4.42 0.72
CA ARG B 77 27.88 -4.60 1.31
C ARG B 77 27.97 -5.84 2.21
N ASN B 78 28.98 -6.72 1.96
CA ASN B 78 29.22 -7.98 2.68
C ASN B 78 27.97 -8.88 2.76
N ARG B 79 27.28 -9.02 1.60
CA ARG B 79 26.04 -9.79 1.43
C ARG B 79 24.91 -9.36 2.41
N GLY B 80 25.11 -8.19 3.06
CA GLY B 80 24.18 -7.55 3.99
C GLY B 80 24.32 -7.94 5.46
N ARG B 81 25.43 -8.63 5.82
CA ARG B 81 25.65 -9.08 7.21
C ARG B 81 25.98 -7.94 8.18
N ASP B 82 26.46 -6.79 7.68
CA ASP B 82 26.78 -5.67 8.55
C ASP B 82 25.53 -4.84 8.98
N TRP B 83 24.41 -4.94 8.22
CA TRP B 83 23.16 -4.23 8.53
C TRP B 83 21.87 -4.94 8.06
N ALA B 84 21.59 -4.90 6.72
CA ALA B 84 20.40 -5.42 6.05
C ALA B 84 19.97 -6.84 6.39
N ARG B 85 20.90 -7.81 6.33
CA ARG B 85 20.59 -9.20 6.63
C ARG B 85 21.12 -9.64 8.00
N ALA B 86 21.68 -8.67 8.76
CA ALA B 86 22.19 -8.88 10.11
C ALA B 86 20.99 -9.16 11.05
N PRO B 87 21.16 -9.77 12.25
CA PRO B 87 20.00 -9.97 13.13
C PRO B 87 19.46 -8.62 13.60
N GLY B 88 18.18 -8.58 13.95
CA GLY B 88 17.51 -7.38 14.44
C GLY B 88 18.12 -6.82 15.71
N ALA B 89 18.63 -7.74 16.59
CA ALA B 89 19.31 -7.44 17.85
C ALA B 89 20.47 -6.46 17.63
N VAL B 90 21.20 -6.60 16.50
CA VAL B 90 22.33 -5.76 16.10
C VAL B 90 21.85 -4.35 15.75
N ARG B 91 20.79 -4.21 14.92
CA ARG B 91 20.27 -2.89 14.52
C ARG B 91 19.63 -2.17 15.70
N ALA B 92 18.95 -2.94 16.59
CA ALA B 92 18.31 -2.45 17.83
C ALA B 92 19.31 -1.73 18.74
N LYS B 93 20.59 -2.18 18.76
CA LYS B 93 21.67 -1.59 19.54
C LYS B 93 21.97 -0.16 19.09
N TYR B 94 22.01 0.09 17.76
CA TYR B 94 22.25 1.43 17.22
C TYR B 94 21.03 2.34 17.47
N LEU B 95 19.80 1.77 17.37
CA LEU B 95 18.56 2.50 17.60
C LEU B 95 18.48 2.98 19.04
N ARG B 96 18.71 2.07 20.02
CA ARG B 96 18.71 2.40 21.43
C ARG B 96 19.80 3.43 21.76
N ALA B 97 20.96 3.34 21.09
CA ALA B 97 22.08 4.25 21.28
C ALA B 97 21.77 5.65 20.73
N ILE B 98 21.04 5.76 19.60
CA ILE B 98 20.60 7.05 19.03
C ILE B 98 19.62 7.72 20.04
N ALA B 99 18.68 6.93 20.60
CA ALA B 99 17.71 7.38 21.61
C ALA B 99 18.43 7.92 22.87
N ALA B 100 19.53 7.24 23.31
CA ALA B 100 20.30 7.66 24.48
C ALA B 100 20.95 9.04 24.20
N LYS B 101 21.47 9.24 22.98
CA LYS B 101 22.10 10.48 22.55
C LYS B 101 21.12 11.66 22.45
N VAL B 102 19.88 11.41 21.96
CA VAL B 102 18.84 12.43 21.85
C VAL B 102 18.45 12.93 23.26
N ILE B 103 18.31 12.02 24.24
CA ILE B 103 18.00 12.34 25.64
C ILE B 103 19.15 13.16 26.27
N GLU B 104 20.40 12.80 25.92
CA GLU B 104 21.62 13.45 26.37
C GLU B 104 21.69 14.89 25.82
N ARG B 105 21.28 15.08 24.55
CA ARG B 105 21.29 16.39 23.88
C ARG B 105 19.90 17.10 23.94
N LYS B 106 18.94 16.58 24.74
CA LYS B 106 17.56 17.11 24.82
C LYS B 106 17.42 18.66 24.92
N PRO B 107 18.09 19.38 25.88
CA PRO B 107 17.92 20.83 25.93
C PRO B 107 18.41 21.58 24.69
N GLU B 108 19.58 21.20 24.12
CA GLU B 108 20.11 21.84 22.91
C GLU B 108 19.24 21.56 21.68
N LEU B 109 18.73 20.30 21.55
CA LEU B 109 17.85 19.88 20.45
C LEU B 109 16.48 20.57 20.52
N ALA B 110 15.85 20.61 21.71
CA ALA B 110 14.55 21.28 21.91
C ALA B 110 14.64 22.79 21.63
N LYS B 111 15.76 23.43 22.04
CA LYS B 111 16.04 24.85 21.80
C LYS B 111 16.22 25.09 20.30
N LEU B 112 17.00 24.23 19.61
CA LEU B 112 17.18 24.35 18.16
C LEU B 112 15.85 24.14 17.40
N GLU B 113 14.97 23.24 17.91
CA GLU B 113 13.66 22.95 17.33
C GLU B 113 12.76 24.21 17.41
N ALA B 114 12.69 24.84 18.60
CA ALA B 114 11.94 26.08 18.86
C ALA B 114 12.48 27.23 18.00
N LEU B 115 13.81 27.31 17.80
CA LEU B 115 14.43 28.36 16.99
C LEU B 115 14.15 28.20 15.50
N ASP B 116 14.18 26.96 15.01
CA ASP B 116 14.02 26.63 13.59
C ASP B 116 12.56 26.64 13.13
N CYS B 117 11.65 26.06 13.95
CA CYS B 117 10.22 25.95 13.54
C CYS B 117 9.23 26.84 14.26
N GLY B 118 9.63 27.48 15.34
CA GLY B 118 8.75 28.39 16.08
C GLY B 118 7.86 27.79 17.14
N LYS B 119 7.94 26.46 17.36
CA LYS B 119 7.08 25.87 18.37
C LYS B 119 7.54 26.18 19.81
N PRO B 120 6.59 26.38 20.77
CA PRO B 120 6.99 26.62 22.17
C PRO B 120 7.98 25.57 22.66
N TYR B 121 8.91 25.99 23.56
CA TYR B 121 9.94 25.10 24.12
C TYR B 121 9.35 23.86 24.77
N ASP B 122 8.22 24.00 25.48
CA ASP B 122 7.59 22.87 26.18
C ASP B 122 7.12 21.76 25.24
N GLU B 123 6.69 22.15 24.02
CA GLU B 123 6.24 21.27 22.96
C GLU B 123 7.46 20.57 22.35
N ALA B 124 8.53 21.35 22.06
CA ALA B 124 9.80 20.84 21.52
C ALA B 124 10.48 19.82 22.47
N ALA B 125 10.37 20.01 23.81
CA ALA B 125 10.92 19.10 24.85
C ALA B 125 10.15 17.78 24.83
N TRP B 126 8.82 17.88 24.64
CA TRP B 126 7.85 16.79 24.52
C TRP B 126 8.26 15.96 23.30
N ASP B 127 8.50 16.65 22.16
CA ASP B 127 8.94 16.05 20.90
C ASP B 127 10.20 15.21 21.07
N MET B 128 11.19 15.71 21.84
CA MET B 128 12.47 15.02 22.07
C MET B 128 12.28 13.75 22.90
N ASP B 129 11.33 13.75 23.85
CA ASP B 129 11.00 12.57 24.63
C ASP B 129 10.40 11.49 23.71
N ASP B 130 9.54 11.92 22.77
CA ASP B 130 8.85 11.07 21.78
C ASP B 130 9.81 10.54 20.72
N VAL B 131 10.82 11.34 20.31
CA VAL B 131 11.86 10.93 19.38
C VAL B 131 12.56 9.69 19.98
N ALA B 132 13.06 9.81 21.24
CA ALA B 132 13.76 8.72 21.93
C ALA B 132 12.83 7.54 22.17
N GLY B 133 11.58 7.82 22.57
CA GLY B 133 10.54 6.81 22.81
C GLY B 133 10.27 6.00 21.55
N CYS B 134 10.24 6.67 20.38
CA CYS B 134 10.02 6.04 19.08
C CYS B 134 11.23 5.17 18.68
N PHE B 135 12.47 5.65 18.91
CA PHE B 135 13.68 4.85 18.66
C PHE B 135 13.70 3.61 19.55
N GLU B 136 13.33 3.77 20.84
CA GLU B 136 13.22 2.68 21.82
C GLU B 136 12.17 1.63 21.41
N TYR B 137 10.94 2.09 21.04
CA TYR B 137 9.83 1.24 20.57
C TYR B 137 10.24 0.40 19.36
N PHE B 138 10.90 1.04 18.36
CA PHE B 138 11.31 0.33 17.16
C PHE B 138 12.50 -0.59 17.33
N ALA B 139 13.34 -0.35 18.37
CA ALA B 139 14.48 -1.24 18.70
C ALA B 139 13.90 -2.59 19.14
N ASP B 140 12.83 -2.56 19.98
CA ASP B 140 12.09 -3.76 20.42
C ASP B 140 11.49 -4.47 19.20
N GLN B 141 10.98 -3.70 18.20
CA GLN B 141 10.40 -4.24 16.96
C GLN B 141 11.46 -4.99 16.13
N ALA B 142 12.70 -4.46 16.08
CA ALA B 142 13.83 -5.06 15.38
C ALA B 142 14.21 -6.40 16.05
N GLU B 143 14.19 -6.46 17.39
CA GLU B 143 14.47 -7.69 18.14
C GLU B 143 13.32 -8.67 17.99
N ALA B 144 12.09 -8.16 17.84
CA ALA B 144 10.89 -8.99 17.65
C ALA B 144 10.85 -9.60 16.22
N LEU B 145 11.57 -8.98 15.24
CA LEU B 145 11.65 -9.44 13.86
C LEU B 145 12.33 -10.82 13.72
N ASP B 146 13.41 -11.05 14.49
CA ASP B 146 14.15 -12.33 14.48
C ASP B 146 13.24 -13.53 14.74
N LYS B 147 12.31 -13.41 15.70
CA LYS B 147 11.34 -14.45 16.10
C LYS B 147 10.27 -14.70 15.02
N ARG B 148 10.04 -13.70 14.14
CA ARG B 148 9.05 -13.72 13.06
C ARG B 148 9.58 -14.34 11.76
N GLN B 149 10.92 -14.49 11.64
CA GLN B 149 11.56 -15.06 10.46
C GLN B 149 11.27 -16.54 10.29
N ASN B 150 11.15 -17.00 9.03
CA ASN B 150 10.87 -18.40 8.63
C ASN B 150 9.63 -18.89 9.36
N SER B 151 8.60 -18.01 9.47
CA SER B 151 7.37 -18.40 10.16
C SER B 151 6.64 -19.43 9.29
N PRO B 152 6.30 -20.60 9.85
CA PRO B 152 5.63 -21.65 9.04
C PRO B 152 4.21 -21.28 8.60
N VAL B 153 3.80 -21.78 7.43
CA VAL B 153 2.45 -21.59 6.88
C VAL B 153 1.88 -22.97 6.69
N SER B 154 0.78 -23.28 7.40
CA SER B 154 0.16 -24.59 7.31
C SER B 154 -0.55 -24.70 5.96
N LEU B 155 -0.22 -25.74 5.19
CA LEU B 155 -0.79 -25.99 3.86
C LEU B 155 -1.81 -27.14 3.85
N PRO B 156 -2.78 -27.19 2.90
CA PRO B 156 -3.73 -28.31 2.90
C PRO B 156 -3.22 -29.60 2.21
N MET B 157 -1.94 -29.63 1.80
CA MET B 157 -1.31 -30.79 1.15
C MET B 157 -0.06 -31.16 1.93
N GLU B 158 0.05 -32.43 2.35
CA GLU B 158 1.21 -32.91 3.10
C GLU B 158 2.51 -33.03 2.25
N THR B 159 2.38 -32.91 0.92
CA THR B 159 3.49 -33.01 -0.04
C THR B 159 4.27 -31.69 -0.20
N PHE B 160 3.76 -30.63 0.44
CA PHE B 160 4.37 -29.31 0.41
C PHE B 160 4.53 -28.73 1.80
N LYS B 161 5.53 -27.86 1.96
CA LYS B 161 5.76 -27.08 3.17
C LYS B 161 6.03 -25.62 2.77
N CYS B 162 5.72 -24.69 3.65
CA CYS B 162 5.84 -23.26 3.37
C CYS B 162 6.35 -22.48 4.58
N HIS B 163 7.26 -21.55 4.36
CA HIS B 163 7.73 -20.63 5.37
C HIS B 163 7.86 -19.22 4.81
N LEU B 164 7.64 -18.22 5.66
CA LEU B 164 7.72 -16.82 5.25
C LEU B 164 9.01 -16.14 5.70
N ARG B 165 9.69 -15.46 4.77
CA ARG B 165 10.85 -14.60 5.03
C ARG B 165 10.36 -13.14 4.99
N ARG B 166 10.87 -12.27 5.89
CA ARG B 166 10.48 -10.84 5.94
C ARG B 166 11.76 -10.07 5.72
N GLU B 167 11.98 -9.65 4.48
CA GLU B 167 13.23 -8.99 4.10
C GLU B 167 13.10 -7.48 4.02
N PRO B 168 14.22 -6.71 4.20
CA PRO B 168 14.11 -5.26 4.04
C PRO B 168 13.60 -4.97 2.64
N ILE B 169 12.77 -3.94 2.51
CA ILE B 169 12.26 -3.61 1.19
C ILE B 169 13.40 -3.05 0.30
N GLY B 170 14.41 -2.46 0.95
CA GLY B 170 15.60 -1.98 0.26
C GLY B 170 16.02 -0.60 0.63
N VAL B 171 16.26 0.22 -0.39
CA VAL B 171 16.64 1.62 -0.24
C VAL B 171 15.33 2.38 -0.15
N VAL B 172 15.12 3.09 0.96
CA VAL B 172 13.87 3.85 1.12
C VAL B 172 14.08 5.37 1.07
N GLY B 173 13.18 6.07 0.39
CA GLY B 173 13.18 7.53 0.31
C GLY B 173 12.18 8.05 1.31
N LEU B 174 12.65 8.82 2.30
CA LEU B 174 11.84 9.33 3.40
C LEU B 174 11.72 10.85 3.31
N ILE B 175 10.52 11.35 2.97
CA ILE B 175 10.21 12.78 2.74
C ILE B 175 9.24 13.28 3.81
N THR B 176 9.69 14.27 4.62
CA THR B 176 9.00 14.75 5.83
C THR B 176 8.70 16.26 5.94
N PRO B 177 7.67 16.63 6.72
CA PRO B 177 7.34 18.06 6.88
C PRO B 177 8.05 18.72 8.09
N TRP B 178 7.94 20.06 8.19
CA TRP B 178 8.57 20.94 9.20
C TRP B 178 7.86 21.09 10.57
N ASN B 179 6.65 20.53 10.73
CA ASN B 179 5.85 20.77 11.95
C ASN B 179 6.29 20.04 13.21
N TYR B 180 6.94 18.86 13.06
CA TYR B 180 7.60 18.16 14.19
C TYR B 180 8.88 17.73 13.49
N PRO B 181 9.87 18.65 13.32
CA PRO B 181 11.02 18.32 12.45
C PRO B 181 11.75 17.00 12.67
N LEU B 182 12.24 16.76 13.88
CA LEU B 182 12.97 15.54 14.22
C LEU B 182 12.03 14.37 14.46
N LEU B 183 10.84 14.63 15.06
CA LEU B 183 9.87 13.56 15.31
C LEU B 183 9.32 12.94 14.00
N MET B 184 8.94 13.78 13.00
CA MET B 184 8.44 13.28 11.70
C MET B 184 9.51 12.43 11.01
N ALA B 185 10.78 12.89 11.06
CA ALA B 185 11.94 12.17 10.52
C ALA B 185 12.11 10.82 11.24
N THR B 186 11.97 10.81 12.59
CA THR B 186 12.10 9.60 13.42
C THR B 186 11.01 8.56 13.10
N TRP B 187 9.75 9.02 12.89
CA TRP B 187 8.59 8.17 12.54
C TRP B 187 8.89 7.26 11.34
N LYS B 188 9.71 7.73 10.40
CA LYS B 188 10.08 6.94 9.22
C LYS B 188 11.43 6.24 9.42
N ILE B 189 12.45 6.94 9.96
CA ILE B 189 13.83 6.41 10.16
C ILE B 189 13.86 5.23 11.12
N ALA B 190 13.29 5.38 12.32
CA ALA B 190 13.29 4.29 13.30
C ALA B 190 12.71 2.95 12.76
N PRO B 191 11.46 2.86 12.19
CA PRO B 191 11.01 1.56 11.63
C PRO B 191 11.77 1.10 10.37
N ALA B 192 12.14 2.03 9.47
CA ALA B 192 12.89 1.71 8.25
C ALA B 192 14.22 1.06 8.64
N LEU B 193 14.91 1.63 9.66
CA LEU B 193 16.19 1.10 10.16
C LEU B 193 16.01 -0.21 10.86
N ALA B 194 14.99 -0.32 11.74
CA ALA B 194 14.66 -1.54 12.46
C ALA B 194 14.40 -2.72 11.50
N ALA B 195 13.76 -2.45 10.34
CA ALA B 195 13.46 -3.45 9.32
C ALA B 195 14.71 -3.89 8.56
N GLY B 196 15.79 -3.10 8.60
CA GLY B 196 17.03 -3.40 7.89
C GLY B 196 17.22 -2.66 6.58
N CYS B 197 16.36 -1.66 6.31
CA CYS B 197 16.52 -0.82 5.13
C CYS B 197 17.67 0.12 5.36
N THR B 198 18.08 0.77 4.29
CA THR B 198 19.02 1.87 4.24
C THR B 198 18.18 3.01 3.71
N ALA B 199 18.42 4.24 4.19
CA ALA B 199 17.55 5.35 3.84
C ALA B 199 18.21 6.65 3.43
N VAL B 200 17.46 7.45 2.64
CA VAL B 200 17.77 8.80 2.24
C VAL B 200 16.62 9.68 2.84
N LEU B 201 16.94 10.54 3.84
CA LEU B 201 15.97 11.48 4.43
C LEU B 201 16.03 12.83 3.74
N LYS B 202 14.88 13.33 3.27
CA LYS B 202 14.75 14.65 2.68
C LYS B 202 13.80 15.44 3.59
N PRO B 203 14.33 16.06 4.68
CA PRO B 203 13.45 16.83 5.59
C PRO B 203 13.03 18.15 4.95
N SER B 204 12.06 18.85 5.56
CA SER B 204 11.60 20.10 4.99
C SER B 204 12.70 21.19 5.01
N GLU B 205 12.78 21.96 3.91
CA GLU B 205 13.70 23.10 3.76
C GLU B 205 13.41 24.22 4.80
N LEU B 206 12.21 24.20 5.41
CA LEU B 206 11.78 25.17 6.42
C LEU B 206 12.32 24.84 7.80
N ALA B 207 12.66 23.57 8.06
CA ALA B 207 13.21 23.14 9.34
C ALA B 207 14.08 21.87 9.27
N SER B 208 15.35 22.04 8.84
CA SER B 208 16.31 20.92 8.71
C SER B 208 17.39 20.84 9.82
N VAL B 209 17.41 21.80 10.78
CA VAL B 209 18.43 21.88 11.84
C VAL B 209 18.63 20.62 12.70
N THR B 210 17.59 20.16 13.40
CA THR B 210 17.69 18.97 14.25
C THR B 210 17.98 17.68 13.47
N CYS B 211 17.50 17.59 12.21
CA CYS B 211 17.75 16.41 11.37
C CYS B 211 19.26 16.29 11.07
N LEU B 212 19.92 17.44 10.75
CA LEU B 212 21.37 17.48 10.55
C LEU B 212 22.12 17.15 11.86
N GLU B 213 21.52 17.46 13.02
CA GLU B 213 22.11 17.06 14.30
C GLU B 213 21.97 15.55 14.52
N LEU B 214 20.87 14.92 14.01
CA LEU B 214 20.68 13.46 14.09
C LEU B 214 21.78 12.77 13.29
N ALA B 215 22.18 13.38 12.16
CA ALA B 215 23.28 12.90 11.31
C ALA B 215 24.55 12.87 12.17
N ASP B 216 24.82 13.97 12.93
CA ASP B 216 25.96 14.07 13.85
C ASP B 216 25.86 12.98 14.92
N ILE B 217 24.66 12.72 15.46
CA ILE B 217 24.42 11.67 16.47
C ILE B 217 24.79 10.28 15.89
N CYS B 218 24.42 10.02 14.62
CA CYS B 218 24.69 8.76 13.92
C CYS B 218 26.18 8.54 13.78
N LYS B 219 26.90 9.57 13.25
CA LYS B 219 28.37 9.60 13.10
C LYS B 219 29.03 9.31 14.47
N GLU B 220 28.54 9.99 15.54
CA GLU B 220 29.01 9.82 16.93
C GLU B 220 28.75 8.41 17.48
N VAL B 221 27.59 7.81 17.12
CA VAL B 221 27.21 6.47 17.57
C VAL B 221 27.87 5.33 16.75
N GLY B 222 28.49 5.70 15.63
CA GLY B 222 29.14 4.77 14.73
C GLY B 222 28.16 3.92 13.95
N LEU B 223 27.06 4.54 13.47
CA LEU B 223 26.06 3.84 12.67
C LEU B 223 26.77 3.51 11.35
N PRO B 224 26.66 2.27 10.81
CA PRO B 224 27.41 1.94 9.58
C PRO B 224 27.23 2.97 8.47
N SER B 225 28.32 3.26 7.78
CA SER B 225 28.42 4.20 6.67
C SER B 225 27.39 3.92 5.57
N GLY B 226 26.60 4.94 5.23
CA GLY B 226 25.58 4.88 4.17
C GLY B 226 24.20 4.36 4.58
N VAL B 227 24.04 3.85 5.81
CA VAL B 227 22.78 3.31 6.33
C VAL B 227 21.70 4.44 6.40
N LEU B 228 22.09 5.62 6.89
CA LEU B 228 21.23 6.80 6.92
C LEU B 228 21.96 7.94 6.26
N ASN B 229 21.33 8.52 5.21
CA ASN B 229 21.82 9.64 4.42
C ASN B 229 20.79 10.77 4.49
N ILE B 230 21.25 12.04 4.68
CA ILE B 230 20.36 13.22 4.81
C ILE B 230 20.68 14.27 3.77
N VAL B 231 19.71 14.55 2.89
CA VAL B 231 19.86 15.55 1.83
C VAL B 231 18.85 16.67 2.09
N THR B 232 19.36 17.85 2.43
CA THR B 232 18.52 19.02 2.68
C THR B 232 18.35 19.70 1.34
N GLY B 233 17.27 20.44 1.16
CA GLY B 233 17.00 21.10 -0.10
C GLY B 233 15.54 21.37 -0.34
N LEU B 234 15.26 22.14 -1.40
CA LEU B 234 13.92 22.52 -1.80
C LEU B 234 13.18 21.30 -2.37
N GLY B 235 11.87 21.24 -2.11
CA GLY B 235 10.99 20.16 -2.57
C GLY B 235 11.19 19.78 -4.03
N PRO B 236 11.12 20.73 -4.98
CA PRO B 236 11.33 20.36 -6.40
C PRO B 236 12.77 19.98 -6.77
N ASP B 237 13.77 20.40 -5.99
CA ASP B 237 15.17 20.17 -6.34
C ASP B 237 15.82 18.98 -5.65
N ALA B 238 15.35 18.61 -4.43
CA ALA B 238 15.85 17.48 -3.66
C ALA B 238 14.78 16.39 -3.41
N GLY B 239 13.54 16.82 -3.12
CA GLY B 239 12.42 15.90 -2.89
C GLY B 239 11.96 15.16 -4.14
N ALA B 240 11.65 15.90 -5.22
CA ALA B 240 11.16 15.33 -6.50
C ALA B 240 12.14 14.34 -7.14
N PRO B 241 13.48 14.61 -7.26
CA PRO B 241 14.38 13.58 -7.80
C PRO B 241 14.48 12.34 -6.89
N LEU B 242 14.32 12.51 -5.55
CA LEU B 242 14.32 11.35 -4.63
C LEU B 242 13.07 10.46 -4.86
N SER B 243 11.87 11.09 -4.98
CA SER B 243 10.57 10.43 -5.19
C SER B 243 10.52 9.65 -6.52
N ALA B 244 11.18 10.20 -7.57
CA ALA B 244 11.25 9.62 -8.92
C ALA B 244 12.54 8.80 -9.18
N HIS B 245 13.42 8.62 -8.15
CA HIS B 245 14.66 7.88 -8.36
C HIS B 245 14.46 6.41 -8.73
N PRO B 246 15.02 5.98 -9.89
CA PRO B 246 14.85 4.57 -10.33
C PRO B 246 15.41 3.51 -9.39
N ASP B 247 16.37 3.91 -8.55
CA ASP B 247 17.03 3.04 -7.59
C ASP B 247 16.50 3.13 -6.14
N VAL B 248 15.35 3.82 -5.94
CA VAL B 248 14.68 3.91 -4.64
C VAL B 248 13.55 2.84 -4.67
N ASP B 249 13.57 1.90 -3.72
CA ASP B 249 12.59 0.81 -3.69
C ASP B 249 11.20 1.19 -3.20
N LYS B 250 11.11 2.15 -2.28
CA LYS B 250 9.81 2.61 -1.75
C LYS B 250 9.96 4.05 -1.26
N VAL B 251 8.89 4.87 -1.43
CA VAL B 251 8.86 6.25 -0.94
C VAL B 251 7.82 6.35 0.20
N ALA B 252 8.26 6.77 1.40
CA ALA B 252 7.37 7.02 2.54
C ALA B 252 7.30 8.55 2.66
N PHE B 253 6.09 9.11 2.44
CA PHE B 253 5.89 10.55 2.39
C PHE B 253 4.84 11.08 3.34
N THR B 254 5.14 12.25 3.94
CA THR B 254 4.26 13.00 4.82
C THR B 254 4.32 14.45 4.34
N GLY B 255 3.15 15.02 4.02
CA GLY B 255 3.04 16.38 3.50
C GLY B 255 1.61 16.72 3.12
N SER B 256 1.44 17.71 2.24
CA SER B 256 0.09 18.14 1.91
C SER B 256 -0.54 17.20 0.88
N PHE B 257 -1.88 17.25 0.74
CA PHE B 257 -2.60 16.51 -0.31
C PHE B 257 -2.04 16.96 -1.69
N GLU B 258 -1.80 18.28 -1.88
CA GLU B 258 -1.22 18.85 -3.12
C GLU B 258 0.07 18.14 -3.52
N THR B 259 0.99 17.91 -2.56
CA THR B 259 2.28 17.25 -2.85
C THR B 259 2.12 15.75 -3.01
N GLY B 260 1.22 15.16 -2.22
CA GLY B 260 0.90 13.73 -2.26
C GLY B 260 0.53 13.25 -3.65
N LYS B 261 -0.22 14.09 -4.39
CA LYS B 261 -0.60 13.80 -5.77
C LYS B 261 0.62 13.68 -6.69
N LYS B 262 1.62 14.58 -6.51
CA LYS B 262 2.86 14.61 -7.30
C LYS B 262 3.72 13.41 -6.95
N ILE B 263 3.83 13.08 -5.65
CA ILE B 263 4.59 11.91 -5.19
C ILE B 263 4.08 10.62 -5.87
N MET B 264 2.74 10.41 -5.86
CA MET B 264 2.16 9.18 -6.44
C MET B 264 2.29 9.19 -7.96
N ALA B 265 2.13 10.37 -8.59
CA ALA B 265 2.27 10.50 -10.05
C ALA B 265 3.73 10.21 -10.47
N SER B 266 4.72 10.64 -9.65
CA SER B 266 6.15 10.39 -9.92
C SER B 266 6.49 8.92 -9.80
N ALA B 267 5.84 8.18 -8.90
CA ALA B 267 6.13 6.75 -8.70
C ALA B 267 5.49 5.87 -9.79
N ALA B 268 4.31 6.25 -10.31
CA ALA B 268 3.54 5.48 -11.31
C ALA B 268 4.35 4.88 -12.50
N PRO B 269 5.24 5.64 -13.21
CA PRO B 269 5.99 5.03 -14.35
C PRO B 269 6.90 3.86 -13.98
N MET B 270 7.28 3.75 -12.72
CA MET B 270 8.13 2.67 -12.21
C MET B 270 7.35 1.68 -11.35
N VAL B 271 5.99 1.84 -11.23
CA VAL B 271 5.13 1.01 -10.35
C VAL B 271 5.79 0.83 -8.96
N LYS B 272 6.36 1.93 -8.49
CA LYS B 272 7.09 2.05 -7.25
C LYS B 272 6.09 2.22 -6.08
N PRO B 273 6.15 1.40 -5.02
CA PRO B 273 5.25 1.61 -3.88
C PRO B 273 5.54 2.90 -3.09
N VAL B 274 4.46 3.49 -2.54
CA VAL B 274 4.50 4.71 -1.73
C VAL B 274 3.52 4.57 -0.57
N THR B 275 3.75 5.33 0.49
CA THR B 275 2.81 5.56 1.58
C THR B 275 2.60 7.07 1.60
N LEU B 276 1.33 7.51 1.80
CA LEU B 276 0.94 8.92 1.81
C LEU B 276 0.20 9.27 3.11
N GLU B 277 0.81 10.13 3.92
CA GLU B 277 0.30 10.65 5.18
C GLU B 277 0.11 12.10 4.91
N LEU B 278 -1.13 12.48 4.56
CA LEU B 278 -1.42 13.81 4.08
C LEU B 278 -2.20 14.71 5.04
N GLY B 279 -2.69 15.84 4.55
CA GLY B 279 -3.42 16.81 5.37
C GLY B 279 -4.77 16.33 5.87
N GLY B 280 -5.49 17.21 6.53
CA GLY B 280 -6.81 16.90 7.05
C GLY B 280 -7.62 18.15 7.35
N LYS B 281 -8.89 17.95 7.65
CA LYS B 281 -9.81 18.98 8.10
C LYS B 281 -10.71 18.27 9.10
N SER B 282 -10.09 17.80 10.19
CA SER B 282 -10.74 16.96 11.17
C SER B 282 -11.82 17.62 12.02
N PRO B 283 -12.91 16.90 12.31
CA PRO B 283 -13.96 17.51 13.13
C PRO B 283 -13.86 17.10 14.61
N ILE B 284 -14.38 17.94 15.49
CA ILE B 284 -14.52 17.64 16.91
C ILE B 284 -16.02 17.90 17.20
N VAL B 285 -16.72 16.87 17.68
CA VAL B 285 -18.16 16.99 17.96
C VAL B 285 -18.33 17.04 19.46
N VAL B 286 -18.85 18.19 19.95
CA VAL B 286 -19.03 18.42 21.38
C VAL B 286 -20.53 18.47 21.71
N PHE B 287 -20.98 17.47 22.45
CA PHE B 287 -22.38 17.38 22.83
C PHE B 287 -22.69 18.31 24.05
N ASP B 288 -23.97 18.49 24.35
CA ASP B 288 -24.42 19.35 25.46
C ASP B 288 -24.19 18.75 26.88
N ASP B 289 -23.89 17.45 26.98
CA ASP B 289 -23.71 16.76 28.27
C ASP B 289 -22.23 16.69 28.71
N VAL B 290 -21.52 17.82 28.59
CA VAL B 290 -20.11 17.89 28.91
C VAL B 290 -19.78 18.86 30.06
N ASP B 291 -18.56 18.71 30.60
CA ASP B 291 -17.96 19.65 31.52
C ASP B 291 -17.37 20.67 30.54
N ILE B 292 -17.95 21.88 30.51
CA ILE B 292 -17.58 22.94 29.57
C ILE B 292 -16.10 23.28 29.51
N ASP B 293 -15.47 23.60 30.67
CA ASP B 293 -14.05 23.95 30.71
C ASP B 293 -13.12 22.80 30.27
N LYS B 294 -13.50 21.54 30.57
CA LYS B 294 -12.69 20.41 30.10
C LYS B 294 -12.76 20.29 28.56
N ALA B 295 -13.99 20.42 28.00
CA ALA B 295 -14.28 20.31 26.56
C ALA B 295 -13.62 21.44 25.79
N VAL B 296 -13.68 22.68 26.34
CA VAL B 296 -13.04 23.88 25.78
C VAL B 296 -11.51 23.69 25.67
N GLU B 297 -10.87 23.18 26.74
CA GLU B 297 -9.41 23.02 26.71
C GLU B 297 -8.96 22.05 25.63
N TRP B 298 -9.67 20.93 25.50
CA TRP B 298 -9.33 19.97 24.44
C TRP B 298 -9.59 20.55 23.02
N THR B 299 -10.63 21.39 22.85
CA THR B 299 -10.94 22.01 21.56
C THR B 299 -9.81 22.97 21.18
N LEU B 300 -9.33 23.79 22.14
CA LEU B 300 -8.22 24.73 21.93
C LEU B 300 -6.95 23.95 21.64
N PHE B 301 -6.71 22.87 22.42
CA PHE B 301 -5.52 22.03 22.18
C PHE B 301 -5.60 21.39 20.77
N GLY B 302 -6.79 20.93 20.38
CA GLY B 302 -7.00 20.33 19.06
C GLY B 302 -6.83 21.26 17.88
N CYS B 303 -6.81 22.59 18.11
CA CYS B 303 -6.65 23.51 16.98
C CYS B 303 -5.48 24.49 17.09
N PHE B 304 -5.03 24.82 18.32
CA PHE B 304 -4.01 25.85 18.54
C PHE B 304 -2.61 25.33 18.93
N TRP B 305 -2.52 24.12 19.51
CA TRP B 305 -1.23 23.49 19.86
C TRP B 305 -0.37 23.31 18.59
N THR B 306 0.98 23.26 18.69
CA THR B 306 1.86 23.22 17.50
C THR B 306 1.64 24.51 16.66
N ASN B 307 1.09 25.58 17.30
CA ASN B 307 0.77 26.86 16.63
C ASN B 307 -0.26 26.68 15.49
N GLY B 308 -1.15 25.69 15.67
CA GLY B 308 -2.18 25.34 14.70
C GLY B 308 -1.68 24.55 13.50
N GLN B 309 -0.40 24.11 13.55
CA GLN B 309 0.23 23.36 12.45
C GLN B 309 0.16 21.88 12.81
N ILE B 310 -1.08 21.41 12.95
CA ILE B 310 -1.40 20.03 13.31
C ILE B 310 -2.04 19.36 12.12
N CYS B 311 -1.43 18.27 11.64
CA CYS B 311 -2.04 17.54 10.52
C CYS B 311 -3.42 17.05 10.90
N SER B 312 -3.55 16.52 12.12
CA SER B 312 -4.79 15.98 12.66
C SER B 312 -5.62 17.00 13.42
N ALA B 313 -5.36 18.30 13.22
CA ALA B 313 -6.11 19.36 13.90
C ALA B 313 -7.62 19.15 13.79
N THR B 314 -8.32 19.24 14.91
CA THR B 314 -9.79 19.20 14.92
C THR B 314 -10.19 20.65 14.66
N SER B 315 -10.02 21.08 13.40
CA SER B 315 -10.21 22.46 12.93
C SER B 315 -11.66 22.86 12.64
N ARG B 316 -12.59 21.90 12.71
CA ARG B 316 -14.00 22.17 12.55
C ARG B 316 -14.63 21.76 13.86
N LEU B 317 -15.14 22.72 14.61
CA LEU B 317 -15.83 22.41 15.85
C LEU B 317 -17.30 22.32 15.49
N LEU B 318 -17.93 21.22 15.90
CA LEU B 318 -19.36 20.99 15.78
C LEU B 318 -19.87 21.03 17.20
N ILE B 319 -20.55 22.14 17.54
CA ILE B 319 -20.99 22.38 18.92
C ILE B 319 -22.51 22.30 19.06
N HIS B 320 -23.00 21.55 20.07
CA HIS B 320 -24.44 21.42 20.31
C HIS B 320 -25.06 22.79 20.58
N THR B 321 -26.12 23.10 19.86
CA THR B 321 -26.88 24.36 19.93
C THR B 321 -27.25 24.78 21.38
N LYS B 322 -27.56 23.81 22.26
CA LYS B 322 -27.96 24.08 23.66
C LYS B 322 -26.89 24.72 24.53
N ILE B 323 -25.62 24.47 24.23
CA ILE B 323 -24.50 25.04 25.01
C ILE B 323 -23.60 25.94 24.17
N ALA B 324 -23.91 26.12 22.86
CA ALA B 324 -23.06 26.91 21.96
C ALA B 324 -22.70 28.29 22.46
N LYS B 325 -23.69 29.09 22.88
CA LYS B 325 -23.45 30.45 23.35
C LYS B 325 -22.44 30.44 24.50
N LYS B 326 -22.72 29.68 25.57
CA LYS B 326 -21.83 29.57 26.72
C LYS B 326 -20.46 29.01 26.29
N PHE B 327 -20.46 27.92 25.48
CA PHE B 327 -19.20 27.31 25.04
C PHE B 327 -18.31 28.30 24.30
N ASN B 328 -18.89 29.04 23.34
CA ASN B 328 -18.16 30.04 22.54
C ASN B 328 -17.50 31.13 23.40
N GLU B 329 -18.22 31.62 24.42
CA GLU B 329 -17.74 32.62 25.37
C GLU B 329 -16.60 32.06 26.22
N ARG B 330 -16.70 30.78 26.67
CA ARG B 330 -15.62 30.16 27.44
C ARG B 330 -14.37 29.98 26.61
N MET B 331 -14.53 29.59 25.32
CA MET B 331 -13.43 29.41 24.35
C MET B 331 -12.65 30.71 24.16
N VAL B 332 -13.36 31.83 23.96
CA VAL B 332 -12.77 33.16 23.77
C VAL B 332 -11.97 33.53 25.04
N ALA B 333 -12.54 33.33 26.25
CA ALA B 333 -11.83 33.63 27.51
C ALA B 333 -10.53 32.78 27.62
N TRP B 334 -10.59 31.48 27.33
CA TRP B 334 -9.38 30.64 27.35
C TRP B 334 -8.39 31.03 26.28
N ALA B 335 -8.89 31.32 25.04
CA ALA B 335 -8.03 31.68 23.90
C ALA B 335 -7.25 32.96 24.17
N LYS B 336 -7.96 34.00 24.70
CA LYS B 336 -7.38 35.30 25.05
C LYS B 336 -6.34 35.20 26.18
N ASN B 337 -6.42 34.14 27.01
CA ASN B 337 -5.49 33.84 28.10
C ASN B 337 -4.23 33.03 27.67
N ILE B 338 -4.14 32.61 26.42
CA ILE B 338 -2.98 31.83 25.95
C ILE B 338 -1.79 32.77 25.76
N LYS B 339 -0.69 32.51 26.50
CA LYS B 339 0.50 33.34 26.38
C LYS B 339 1.19 33.14 25.04
N VAL B 340 1.11 34.16 24.18
CA VAL B 340 1.78 34.17 22.89
C VAL B 340 3.08 34.96 23.05
N SER B 341 4.22 34.34 22.74
CA SER B 341 5.53 34.97 22.94
C SER B 341 6.60 34.25 22.14
N ASP B 342 7.86 34.64 22.38
CA ASP B 342 9.01 33.97 21.80
C ASP B 342 8.92 32.56 22.36
N PRO B 343 9.09 31.50 21.52
CA PRO B 343 9.00 30.11 22.02
C PRO B 343 9.98 29.75 23.14
N LEU B 344 11.10 30.49 23.26
CA LEU B 344 12.10 30.22 24.30
C LEU B 344 11.78 30.88 25.63
N GLU B 345 10.78 31.77 25.65
CA GLU B 345 10.37 32.48 26.86
C GLU B 345 9.56 31.57 27.75
N GLU B 346 9.82 31.62 29.07
CA GLU B 346 9.11 30.82 30.06
C GLU B 346 7.58 30.96 29.92
N GLY B 347 6.88 29.83 30.07
CA GLY B 347 5.43 29.76 30.01
C GLY B 347 4.78 29.97 28.65
N CYS B 348 5.58 30.05 27.56
CA CYS B 348 5.03 30.21 26.21
C CYS B 348 4.04 29.09 25.89
N ARG B 349 2.84 29.47 25.41
CA ARG B 349 1.82 28.51 25.01
C ARG B 349 1.40 28.67 23.56
N LEU B 350 1.94 29.69 22.89
CA LEU B 350 1.73 29.95 21.46
C LEU B 350 2.91 30.72 20.92
N GLY B 351 3.59 30.16 19.94
CA GLY B 351 4.71 30.80 19.28
C GLY B 351 4.29 31.35 17.93
N PRO B 352 5.25 31.84 17.12
CA PRO B 352 4.86 32.30 15.78
C PRO B 352 4.70 31.12 14.81
N VAL B 353 4.04 31.34 13.65
CA VAL B 353 3.95 30.28 12.64
C VAL B 353 5.34 30.20 11.94
N VAL B 354 5.69 29.04 11.43
CA VAL B 354 6.99 28.71 10.82
C VAL B 354 7.69 29.72 9.91
N SER B 355 6.96 30.32 8.95
CA SER B 355 7.58 31.16 7.93
C SER B 355 6.66 32.23 7.41
N GLU B 356 7.21 33.12 6.56
CA GLU B 356 6.47 34.21 5.92
C GLU B 356 5.43 33.68 4.95
N GLY B 357 5.78 32.63 4.19
CA GLY B 357 4.90 32.01 3.21
C GLY B 357 3.65 31.46 3.88
N GLN B 358 3.87 30.78 5.01
CA GLN B 358 2.80 30.18 5.82
C GLN B 358 1.93 31.26 6.45
N TYR B 359 2.53 32.32 6.99
CA TYR B 359 1.85 33.44 7.62
C TYR B 359 0.92 34.16 6.62
N GLU B 360 1.41 34.36 5.38
CA GLU B 360 0.67 35.02 4.31
C GLU B 360 -0.54 34.18 3.84
N LYS B 361 -0.35 32.85 3.78
CA LYS B 361 -1.39 31.90 3.40
C LYS B 361 -2.51 31.95 4.47
N ILE B 362 -2.14 31.92 5.77
CA ILE B 362 -3.11 31.97 6.87
C ILE B 362 -3.90 33.31 6.85
N LYS B 363 -3.19 34.43 6.59
CA LYS B 363 -3.77 35.78 6.45
C LYS B 363 -4.81 35.76 5.33
N LYS B 364 -4.48 35.12 4.20
CA LYS B 364 -5.37 35.02 3.03
C LYS B 364 -6.64 34.21 3.35
N PHE B 365 -6.49 33.07 4.08
CA PHE B 365 -7.62 32.21 4.50
C PHE B 365 -8.57 33.02 5.38
N ILE B 366 -8.00 33.80 6.33
CA ILE B 366 -8.76 34.65 7.26
C ILE B 366 -9.51 35.75 6.52
N SER B 367 -8.84 36.49 5.60
CA SER B 367 -9.52 37.54 4.83
C SER B 367 -10.62 36.97 3.88
N ASN B 368 -10.38 35.79 3.29
CA ASN B 368 -11.35 35.09 2.41
C ASN B 368 -12.61 34.69 3.21
N ALA B 369 -12.43 34.22 4.46
CA ALA B 369 -13.54 33.88 5.37
C ALA B 369 -14.41 35.12 5.66
N LYS B 370 -13.78 36.30 5.88
CA LYS B 370 -14.50 37.56 6.11
C LYS B 370 -15.27 37.97 4.86
N SER B 371 -14.60 37.92 3.68
CA SER B 371 -15.22 38.23 2.38
C SER B 371 -16.43 37.32 2.12
N GLN B 372 -16.34 36.03 2.53
CA GLN B 372 -17.42 35.05 2.32
C GLN B 372 -18.58 35.18 3.31
N GLY B 373 -18.46 36.10 4.26
CA GLY B 373 -19.52 36.41 5.21
C GLY B 373 -19.41 35.82 6.60
N ALA B 374 -18.26 35.22 6.95
CA ALA B 374 -18.06 34.63 8.27
C ALA B 374 -17.75 35.69 9.33
N THR B 375 -17.89 35.33 10.60
CA THR B 375 -17.62 36.23 11.70
C THR B 375 -16.30 35.87 12.40
N ILE B 376 -15.44 36.89 12.65
CA ILE B 376 -14.21 36.67 13.42
C ILE B 376 -14.65 36.89 14.87
N LEU B 377 -14.83 35.80 15.62
CA LEU B 377 -15.26 35.89 17.03
C LEU B 377 -14.13 36.44 17.90
N THR B 378 -12.88 36.01 17.64
CA THR B 378 -11.68 36.46 18.34
C THR B 378 -10.48 36.24 17.46
N GLY B 379 -9.46 37.05 17.65
CA GLY B 379 -8.19 36.87 16.92
C GLY B 379 -8.23 37.35 15.51
N GLY B 380 -7.53 36.65 14.62
CA GLY B 380 -7.45 37.08 13.23
C GLY B 380 -6.64 38.35 13.02
N VAL B 381 -5.80 38.68 14.01
CA VAL B 381 -4.93 39.87 14.07
C VAL B 381 -3.61 39.46 14.73
N ARG B 382 -2.59 40.33 14.60
CA ARG B 382 -1.31 40.15 15.24
C ARG B 382 -1.48 40.48 16.72
N PRO B 383 -0.78 39.78 17.64
CA PRO B 383 -0.89 40.14 19.08
C PRO B 383 -0.27 41.53 19.29
N ALA B 384 -0.88 42.35 20.15
CA ALA B 384 -0.48 43.75 20.39
C ALA B 384 1.00 43.95 20.74
N HIS B 385 1.52 43.10 21.65
CA HIS B 385 2.88 43.12 22.17
C HIS B 385 3.98 42.55 21.26
N LEU B 386 3.63 42.09 20.03
CA LEU B 386 4.60 41.49 19.12
C LEU B 386 4.56 42.07 17.71
N GLU B 387 5.35 43.12 17.50
CA GLU B 387 5.46 43.86 16.24
C GLU B 387 6.31 43.14 15.19
N LYS B 388 7.17 42.21 15.63
CA LYS B 388 7.99 41.41 14.72
C LYS B 388 7.65 39.93 14.86
N GLY B 389 7.97 39.16 13.82
CA GLY B 389 7.74 37.71 13.80
C GLY B 389 6.43 37.34 13.15
N PHE B 390 6.25 36.06 12.80
CA PHE B 390 5.04 35.58 12.11
C PHE B 390 3.95 35.17 13.12
N PHE B 391 3.64 36.12 14.02
CA PHE B 391 2.71 35.96 15.13
C PHE B 391 1.28 36.22 14.74
N ILE B 392 0.40 35.29 15.14
CA ILE B 392 -1.05 35.36 14.87
C ILE B 392 -1.74 34.96 16.17
N GLU B 393 -2.71 35.79 16.61
CA GLU B 393 -3.52 35.49 17.79
C GLU B 393 -4.35 34.22 17.56
N PRO B 394 -4.71 33.45 18.62
CA PRO B 394 -5.64 32.32 18.42
C PRO B 394 -6.93 32.88 17.84
N THR B 395 -7.36 32.29 16.72
CA THR B 395 -8.51 32.73 15.94
C THR B 395 -9.67 31.74 15.97
N ILE B 396 -10.85 32.28 16.23
CA ILE B 396 -12.10 31.52 16.24
C ILE B 396 -13.05 32.22 15.25
N ILE B 397 -13.53 31.45 14.25
CA ILE B 397 -14.42 31.91 13.20
C ILE B 397 -15.79 31.18 13.30
N THR B 398 -16.87 31.96 13.46
CA THR B 398 -18.26 31.54 13.58
C THR B 398 -19.08 32.00 12.37
N ASP B 399 -20.40 31.68 12.35
CA ASP B 399 -21.33 32.00 11.25
C ASP B 399 -20.74 31.51 9.92
N ILE B 400 -20.21 30.29 9.99
CA ILE B 400 -19.58 29.54 8.91
C ILE B 400 -20.66 28.88 8.10
N THR B 401 -20.41 28.70 6.82
CA THR B 401 -21.29 27.97 5.92
C THR B 401 -20.47 26.77 5.38
N THR B 402 -21.10 25.63 5.05
CA THR B 402 -20.37 24.46 4.50
C THR B 402 -19.72 24.71 3.12
N SER B 403 -20.24 25.66 2.33
CA SER B 403 -19.67 25.99 1.02
C SER B 403 -18.41 26.89 1.13
N MET B 404 -18.11 27.47 2.31
CA MET B 404 -16.95 28.36 2.48
C MET B 404 -15.62 27.64 2.35
N GLU B 405 -14.61 28.35 1.84
CA GLU B 405 -13.24 27.85 1.72
C GLU B 405 -12.69 27.42 3.08
N ILE B 406 -12.96 28.22 4.13
CA ILE B 406 -12.47 27.98 5.48
C ILE B 406 -12.95 26.66 6.10
N TRP B 407 -14.15 26.23 5.72
CA TRP B 407 -14.73 24.96 6.18
C TRP B 407 -14.09 23.78 5.42
N ARG B 408 -13.82 23.96 4.13
CA ARG B 408 -13.31 22.93 3.22
C ARG B 408 -11.80 22.70 3.26
N GLU B 409 -11.00 23.78 3.26
CA GLU B 409 -9.54 23.68 3.14
C GLU B 409 -8.76 23.71 4.43
N GLU B 410 -7.63 22.98 4.44
CA GLU B 410 -6.71 22.91 5.56
C GLU B 410 -5.99 24.27 5.66
N VAL B 411 -6.17 24.99 6.79
CA VAL B 411 -5.61 26.32 7.03
C VAL B 411 -4.18 26.25 7.54
N PHE B 412 -3.91 25.34 8.52
CA PHE B 412 -2.57 25.15 9.07
C PHE B 412 -2.00 26.35 9.84
N GLY B 413 -2.91 27.05 10.51
CA GLY B 413 -2.66 28.16 11.42
C GLY B 413 -3.56 27.99 12.64
N PRO B 414 -3.39 28.77 13.74
CA PRO B 414 -4.30 28.60 14.90
C PRO B 414 -5.66 29.27 14.62
N VAL B 415 -6.42 28.63 13.71
CA VAL B 415 -7.70 29.11 13.20
C VAL B 415 -8.78 28.01 13.33
N LEU B 416 -9.77 28.24 14.19
CA LEU B 416 -10.84 27.28 14.39
C LEU B 416 -12.12 27.79 13.78
N CYS B 417 -12.85 26.90 13.10
CA CYS B 417 -14.17 27.28 12.61
CA CYS B 417 -14.18 27.13 12.49
C CYS B 417 -15.22 26.51 13.41
N VAL B 418 -16.40 27.12 13.54
CA VAL B 418 -17.49 26.65 14.41
C VAL B 418 -18.81 26.59 13.68
N LYS B 419 -19.46 25.43 13.78
CA LYS B 419 -20.79 25.18 13.26
C LYS B 419 -21.61 24.56 14.36
N GLU B 420 -22.86 25.01 14.51
CA GLU B 420 -23.73 24.44 15.54
C GLU B 420 -24.54 23.29 14.94
N PHE B 421 -25.06 22.40 15.78
CA PHE B 421 -25.92 21.28 15.35
C PHE B 421 -26.97 21.06 16.45
N SER B 422 -28.06 20.36 16.13
CA SER B 422 -29.11 20.08 17.09
C SER B 422 -29.37 18.58 17.29
N THR B 423 -29.01 17.72 16.31
CA THR B 423 -29.22 16.27 16.43
C THR B 423 -27.92 15.53 16.18
N GLU B 424 -27.88 14.28 16.64
CA GLU B 424 -26.74 13.40 16.43
C GLU B 424 -26.50 13.11 14.90
N ASP B 425 -27.58 12.93 14.11
CA ASP B 425 -27.38 12.70 12.68
C ASP B 425 -26.83 13.94 11.94
N GLU B 426 -27.28 15.16 12.32
CA GLU B 426 -26.71 16.39 11.72
C GLU B 426 -25.21 16.46 12.03
N ALA B 427 -24.80 16.11 13.27
CA ALA B 427 -23.39 16.13 13.69
C ALA B 427 -22.53 15.16 12.85
N ILE B 428 -23.02 13.92 12.66
CA ILE B 428 -22.28 12.89 11.89
C ILE B 428 -22.16 13.34 10.42
N GLU B 429 -23.26 13.83 9.83
CA GLU B 429 -23.21 14.29 8.42
C GLU B 429 -22.23 15.44 8.27
N LEU B 430 -22.29 16.41 9.20
CA LEU B 430 -21.35 17.53 9.15
C LEU B 430 -19.94 17.10 9.41
N ALA B 431 -19.72 16.17 10.39
CA ALA B 431 -18.36 15.64 10.67
C ALA B 431 -17.74 14.99 9.41
N ASN B 432 -18.56 14.23 8.62
CA ASN B 432 -18.10 13.54 7.42
C ASN B 432 -18.18 14.38 6.16
N ASP B 433 -18.65 15.63 6.29
CA ASP B 433 -18.72 16.56 5.15
C ASP B 433 -17.33 17.16 4.87
N THR B 434 -16.44 16.28 4.43
CA THR B 434 -15.06 16.59 4.13
C THR B 434 -14.53 15.55 3.15
N GLN B 435 -13.62 15.99 2.28
CA GLN B 435 -12.95 15.12 1.35
C GLN B 435 -11.68 14.55 2.03
N TYR B 436 -11.38 14.98 3.25
CA TYR B 436 -10.27 14.45 4.05
C TYR B 436 -10.81 13.35 4.98
N GLY B 437 -9.92 12.72 5.75
CA GLY B 437 -10.29 11.66 6.68
C GLY B 437 -9.16 11.20 7.56
N LEU B 438 -8.40 12.14 8.14
CA LEU B 438 -7.23 11.82 8.98
C LEU B 438 -7.61 11.47 10.41
N ALA B 439 -8.41 12.32 11.05
CA ALA B 439 -8.79 12.09 12.45
C ALA B 439 -10.14 12.69 12.75
N GLY B 440 -10.63 12.47 13.97
CA GLY B 440 -11.91 13.00 14.45
C GLY B 440 -11.97 12.90 15.96
N ALA B 441 -12.93 13.61 16.58
CA ALA B 441 -13.08 13.54 18.04
C ALA B 441 -14.51 13.76 18.43
N VAL B 442 -14.89 13.14 19.56
CA VAL B 442 -16.20 13.26 20.14
C VAL B 442 -16.02 13.51 21.63
N ILE B 443 -16.73 14.53 22.14
CA ILE B 443 -16.77 14.85 23.56
C ILE B 443 -18.20 14.78 24.07
N SER B 444 -18.49 13.75 24.89
CA SER B 444 -19.82 13.54 25.46
C SER B 444 -19.78 12.64 26.69
N GLY B 445 -20.65 12.89 27.67
CA GLY B 445 -20.73 12.05 28.86
C GLY B 445 -21.47 10.75 28.59
N ASP B 446 -22.21 10.71 27.47
CA ASP B 446 -22.98 9.53 27.08
C ASP B 446 -22.03 8.59 26.33
N ARG B 447 -21.64 7.50 27.01
CA ARG B 447 -20.73 6.47 26.48
C ARG B 447 -21.23 5.81 25.19
N GLU B 448 -22.55 5.50 25.11
CA GLU B 448 -23.15 4.85 23.93
C GLU B 448 -23.06 5.76 22.72
N ARG B 449 -23.23 7.07 22.94
CA ARG B 449 -23.14 8.10 21.91
C ARG B 449 -21.70 8.22 21.43
N CYS B 450 -20.72 8.16 22.37
CA CYS B 450 -19.29 8.22 22.01
C CYS B 450 -18.92 7.03 21.10
N GLN B 451 -19.49 5.84 21.41
CA GLN B 451 -19.32 4.60 20.65
C GLN B 451 -19.89 4.78 19.24
N ARG B 452 -21.15 5.26 19.12
CA ARG B 452 -21.79 5.52 17.82
C ARG B 452 -20.93 6.49 16.96
N LEU B 453 -20.46 7.63 17.53
CA LEU B 453 -19.61 8.55 16.77
C LEU B 453 -18.25 7.98 16.39
N SER B 454 -17.68 7.10 17.25
CA SER B 454 -16.40 6.46 16.92
C SER B 454 -16.54 5.52 15.71
N GLU B 455 -17.73 4.94 15.51
CA GLU B 455 -18.01 4.06 14.39
C GLU B 455 -18.31 4.84 13.10
N GLU B 456 -19.10 5.90 13.23
CA GLU B 456 -19.64 6.67 12.11
C GLU B 456 -18.77 7.77 11.48
N ILE B 457 -17.81 8.34 12.25
CA ILE B 457 -16.90 9.36 11.72
C ILE B 457 -15.86 8.62 10.91
N ASP B 458 -15.68 9.01 9.63
CA ASP B 458 -14.76 8.33 8.74
C ASP B 458 -13.34 8.89 8.84
N ALA B 459 -12.47 8.23 9.63
CA ALA B 459 -11.09 8.67 9.84
C ALA B 459 -10.24 7.56 10.46
N GLY B 460 -8.90 7.69 10.32
CA GLY B 460 -7.94 6.71 10.84
C GLY B 460 -7.76 6.71 12.35
N CYS B 461 -8.17 7.81 13.03
CA CYS B 461 -8.04 8.00 14.49
C CYS B 461 -9.23 8.78 15.05
N ILE B 462 -9.96 8.23 16.02
CA ILE B 462 -11.04 8.93 16.69
C ILE B 462 -10.66 9.08 18.16
N TRP B 463 -10.60 10.34 18.64
CA TRP B 463 -10.38 10.62 20.06
C TRP B 463 -11.69 10.69 20.78
N VAL B 464 -11.72 10.14 22.01
CA VAL B 464 -12.93 10.18 22.83
C VAL B 464 -12.61 11.01 24.09
N ASN B 465 -13.39 12.11 24.29
CA ASN B 465 -13.22 13.02 25.43
C ASN B 465 -11.84 13.67 25.49
N CYS B 466 -11.21 13.89 24.31
CA CYS B 466 -9.92 14.54 24.12
C CYS B 466 -9.74 14.80 22.62
N SER B 467 -8.59 15.37 22.27
CA SER B 467 -8.21 15.63 20.89
C SER B 467 -6.70 15.75 20.85
N GLN B 468 -6.05 15.02 19.91
CA GLN B 468 -4.61 15.05 19.61
C GLN B 468 -3.66 13.99 20.20
N PRO B 469 -3.83 13.42 21.42
CA PRO B 469 -2.81 12.46 21.91
C PRO B 469 -2.50 11.34 20.92
N CYS B 470 -1.26 11.33 20.44
CA CYS B 470 -0.78 10.42 19.40
C CYS B 470 0.33 9.50 19.94
N PHE B 471 -0.01 8.22 20.17
CA PHE B 471 0.92 7.24 20.75
C PHE B 471 1.58 6.38 19.68
N CYS B 472 2.88 6.20 19.84
CA CYS B 472 3.77 5.39 19.03
C CYS B 472 3.24 3.95 18.88
N GLN B 473 2.54 3.49 19.93
CA GLN B 473 1.98 2.16 20.06
C GLN B 473 0.79 1.90 19.12
N ALA B 474 0.11 2.96 18.62
CA ALA B 474 -1.07 2.79 17.78
C ALA B 474 -0.83 3.14 16.30
N PRO B 475 -1.47 2.44 15.31
CA PRO B 475 -1.26 2.80 13.90
C PRO B 475 -1.88 4.16 13.57
N TRP B 476 -1.19 4.94 12.74
CA TRP B 476 -1.56 6.31 12.41
C TRP B 476 -1.66 6.49 10.90
N GLY B 477 -2.78 7.03 10.43
CA GLY B 477 -2.95 7.29 9.00
C GLY B 477 -4.33 7.79 8.60
N GLY B 478 -4.46 8.23 7.36
CA GLY B 478 -5.74 8.75 6.87
C GLY B 478 -6.47 7.92 5.83
N ASN B 479 -7.66 8.39 5.49
CA ASN B 479 -8.55 7.84 4.47
C ASN B 479 -8.84 9.03 3.55
N LYS B 480 -9.32 8.74 2.31
CA LYS B 480 -9.66 9.75 1.30
C LYS B 480 -8.46 10.64 0.98
N ARG B 481 -8.65 11.97 0.94
CA ARG B 481 -7.56 12.90 0.64
C ARG B 481 -6.48 13.05 1.72
N SER B 482 -6.64 12.38 2.86
CA SER B 482 -5.62 12.34 3.92
C SER B 482 -4.59 11.23 3.60
N GLY B 483 -4.79 10.55 2.46
CA GLY B 483 -3.85 9.55 1.94
C GLY B 483 -4.22 8.10 2.19
N PHE B 484 -3.20 7.24 2.37
CA PHE B 484 -3.41 5.81 2.61
C PHE B 484 -2.21 5.16 3.35
N GLY B 485 -2.46 4.01 3.94
CA GLY B 485 -1.48 3.25 4.70
C GLY B 485 -1.51 3.70 6.14
N ARG B 486 -0.80 2.97 7.00
CA ARG B 486 -0.73 3.31 8.42
C ARG B 486 0.72 3.21 8.83
N GLU B 487 1.19 4.20 9.59
CA GLU B 487 2.55 4.21 10.14
C GLU B 487 2.45 3.96 11.64
N LEU B 488 3.57 3.56 12.28
CA LEU B 488 3.67 3.31 13.74
C LEU B 488 2.89 2.07 14.15
N GLY B 489 2.72 1.84 15.44
CA GLY B 489 2.02 0.66 15.94
C GLY B 489 2.79 -0.62 15.75
N GLU B 490 2.19 -1.77 16.11
CA GLU B 490 2.89 -3.05 15.96
C GLU B 490 3.15 -3.51 14.51
N GLY B 491 2.47 -2.87 13.56
CA GLY B 491 2.66 -3.13 12.13
C GLY B 491 3.53 -2.10 11.42
N GLY B 492 4.08 -1.15 12.17
CA GLY B 492 4.92 -0.07 11.65
C GLY B 492 6.16 -0.51 10.89
N ILE B 493 6.84 -1.55 11.41
CA ILE B 493 8.05 -2.16 10.82
C ILE B 493 7.71 -2.80 9.45
N ASP B 494 6.49 -3.38 9.33
CA ASP B 494 6.00 -4.08 8.14
C ASP B 494 5.90 -3.17 6.90
N ASN B 495 5.92 -1.83 7.12
CA ASN B 495 5.92 -0.87 6.03
C ASN B 495 7.25 -0.90 5.29
N TYR B 496 8.29 -1.39 5.96
CA TYR B 496 9.63 -1.38 5.38
C TYR B 496 10.18 -2.79 5.09
N LEU B 497 9.29 -3.77 5.18
CA LEU B 497 9.59 -5.18 4.95
C LEU B 497 8.82 -5.70 3.76
N SER B 498 9.41 -6.65 3.04
CA SER B 498 8.80 -7.34 1.91
C SER B 498 8.68 -8.81 2.29
N VAL B 499 7.49 -9.38 2.13
CA VAL B 499 7.26 -10.80 2.45
C VAL B 499 7.64 -11.70 1.27
N LYS B 500 8.35 -12.78 1.56
CA LYS B 500 8.73 -13.77 0.57
C LYS B 500 8.24 -15.12 1.06
N GLN B 501 7.41 -15.82 0.26
CA GLN B 501 7.03 -17.18 0.63
C GLN B 501 8.06 -18.11 0.03
N VAL B 502 8.43 -19.15 0.78
CA VAL B 502 9.39 -20.19 0.36
C VAL B 502 8.60 -21.51 0.45
N THR B 503 8.21 -22.03 -0.70
CA THR B 503 7.36 -23.19 -0.84
C THR B 503 8.11 -24.36 -1.43
N GLU B 504 8.20 -25.44 -0.65
CA GLU B 504 8.97 -26.62 -1.04
C GLU B 504 8.13 -27.88 -1.25
N TYR B 505 8.39 -28.62 -2.36
CA TYR B 505 7.79 -29.92 -2.70
C TYR B 505 8.65 -30.96 -2.00
N ILE B 506 8.11 -31.62 -0.97
CA ILE B 506 8.86 -32.57 -0.14
C ILE B 506 8.63 -34.06 -0.44
N SER B 507 7.80 -34.38 -1.43
CA SER B 507 7.52 -35.75 -1.85
C SER B 507 8.60 -36.23 -2.81
N ASP B 508 8.88 -37.54 -2.81
CA ASP B 508 9.85 -38.14 -3.73
C ASP B 508 9.14 -38.67 -4.97
N GLU B 509 7.81 -38.52 -5.02
CA GLU B 509 7.03 -38.93 -6.19
C GLU B 509 7.22 -37.91 -7.29
N PRO B 510 7.20 -38.32 -8.59
CA PRO B 510 7.21 -37.31 -9.65
C PRO B 510 5.86 -36.58 -9.63
N TRP B 511 5.83 -35.34 -10.12
CA TRP B 511 4.63 -34.49 -10.17
C TRP B 511 3.43 -35.22 -10.81
N GLY B 512 3.69 -35.94 -11.89
CA GLY B 512 2.68 -36.76 -12.54
C GLY B 512 1.62 -36.01 -13.31
N TRP B 513 1.90 -34.74 -13.70
CA TRP B 513 0.97 -33.97 -14.50
C TRP B 513 1.16 -34.33 -15.99
N TYR B 514 2.41 -34.34 -16.47
CA TYR B 514 2.74 -34.68 -17.84
C TYR B 514 3.05 -36.16 -17.97
N GLN B 515 2.85 -36.71 -19.19
CA GLN B 515 3.10 -38.13 -19.47
C GLN B 515 4.57 -38.31 -19.79
N SER B 516 5.28 -39.10 -18.98
CA SER B 516 6.71 -39.40 -19.24
C SER B 516 6.87 -40.07 -20.63
N PRO B 517 7.85 -39.66 -21.46
CA PRO B 517 7.99 -40.28 -22.79
C PRO B 517 8.57 -41.69 -22.73
N SER B 518 9.17 -42.06 -21.58
CA SER B 518 9.78 -43.36 -21.30
C SER B 518 8.89 -44.20 -20.36
PA NAD C . -3.93 -6.50 -19.11
O1A NAD C . -3.89 -6.10 -20.55
O2A NAD C . -3.05 -5.64 -18.24
O5B NAD C . -5.43 -6.45 -18.63
C5B NAD C . -5.84 -6.84 -17.29
C4B NAD C . -7.19 -6.20 -17.03
O4B NAD C . -7.05 -4.77 -17.08
C3B NAD C . -8.32 -6.55 -18.01
O3B NAD C . -9.56 -6.65 -17.31
C2B NAD C . -8.32 -5.36 -18.96
O2B NAD C . -9.56 -5.17 -19.65
C1B NAD C . -7.99 -4.23 -17.99
N9A NAD C . -7.42 -3.03 -18.58
C8A NAD C . -6.69 -2.95 -19.74
N7A NAD C . -6.33 -1.73 -20.05
C5A NAD C . -6.83 -0.96 -19.02
C6A NAD C . -6.73 0.42 -18.71
N6A NAD C . -6.20 1.32 -19.55
N1A NAD C . -7.22 0.85 -17.53
C2A NAD C . -7.82 -0.04 -16.72
N3A NAD C . -8.02 -1.35 -16.92
C4A NAD C . -7.49 -1.75 -18.09
O3 NAD C . -3.49 -8.02 -18.86
PN NAD C . -4.07 -9.42 -19.38
O1N NAD C . -3.57 -9.62 -20.76
O2N NAD C . -5.52 -9.48 -19.11
O5D NAD C . -3.38 -10.45 -18.37
C5D NAD C . -2.05 -10.96 -18.55
C4D NAD C . -1.09 -10.17 -17.69
O4D NAD C . -1.46 -10.32 -16.29
C3D NAD C . 0.35 -10.68 -17.74
O3D NAD C . 1.30 -9.62 -17.76
C2D NAD C . 0.43 -11.53 -16.47
O2D NAD C . 1.74 -11.66 -15.94
C1D NAD C . -0.39 -10.66 -15.48
N1N NAD C . -0.88 -11.52 -14.32
C2N NAD C . -0.33 -11.22 -13.07
C3N NAD C . -0.69 -11.98 -11.97
C7N NAD C . -0.11 -11.73 -10.59
O7N NAD C . 0.94 -10.96 -10.45
N7N NAD C . -0.63 -12.41 -9.58
C4N NAD C . -1.56 -13.06 -12.15
C5N NAD C . -2.08 -13.34 -13.42
C6N NAD C . -1.75 -12.55 -14.49
NA NA D . -12.72 -15.97 -24.80
C1 GOL E . -12.56 -7.35 -27.97
O1 GOL E . -11.22 -6.91 -27.73
C2 GOL E . -12.73 -8.81 -27.64
O2 GOL E . -12.80 -8.97 -26.23
C3 GOL E . -13.98 -9.37 -28.26
O3 GOL E . -13.93 -10.79 -28.23
C1 EDO F . -0.92 -17.68 -10.34
O1 EDO F . 0.35 -18.16 -10.76
C2 EDO F . -1.86 -18.82 -9.89
O2 EDO F . -1.37 -20.09 -10.25
PA NAD G . 4.68 19.82 1.74
O1A NAD G . 4.75 21.09 1.00
O2A NAD G . 3.76 18.80 1.04
O5B NAD G . 6.13 19.22 1.82
C5B NAD G . 6.47 18.08 2.64
C4B NAD G . 7.82 17.59 2.17
O4B NAD G . 7.74 17.29 0.75
C3B NAD G . 8.99 18.56 2.32
O3B NAD G . 10.19 17.92 2.73
C2B NAD G . 9.08 19.21 0.94
O2B NAD G . 10.35 19.76 0.66
C1B NAD G . 8.73 18.01 0.06
N9A NAD G . 8.23 18.34 -1.29
C8A NAD G . 7.58 19.47 -1.67
N7A NAD G . 7.30 19.51 -2.95
C5A NAD G . 7.79 18.30 -3.44
C6A NAD G . 7.76 17.72 -4.72
N6A NAD G . 7.28 18.32 -5.81
N1A NAD G . 8.27 16.47 -4.85
C2A NAD G . 8.78 15.87 -3.76
N3A NAD G . 8.89 16.34 -2.52
C4A NAD G . 8.36 17.57 -2.42
O3 NAD G . 4.18 19.97 3.26
PN NAD G . 4.66 20.78 4.55
O1N NAD G . 4.21 22.19 4.43
O2N NAD G . 6.10 20.51 4.78
O5D NAD G . 3.90 20.04 5.73
C5D NAD G . 2.55 20.38 6.10
C4D NAD G . 1.59 19.36 5.54
O4D NAD G . 1.92 18.04 6.05
C3D NAD G . 0.13 19.57 5.95
O3D NAD G . -0.76 19.34 4.86
C2D NAD G . -0.04 18.54 7.07
O2D NAD G . -1.39 18.16 7.30
C1D NAD G . 0.80 17.36 6.52
N1N NAD G . 1.22 16.47 7.65
C2N NAD G . 0.65 15.19 7.67
C3N NAD G . 0.96 14.34 8.71
C7N NAD G . 0.37 12.94 8.80
O7N NAD G . -0.60 12.62 8.04
N7N NAD G . 0.80 12.15 9.76
C4N NAD G . 1.82 14.78 9.72
C5N NAD G . 2.35 16.06 9.67
C6N NAD G . 2.05 16.89 8.62
NA NA H . 13.17 27.34 10.02
C1 PEG I . -10.87 40.33 15.76
O1 PEG I . -10.17 40.64 16.95
C2 PEG I . -11.00 41.52 14.86
O2 PEG I . -11.24 41.09 13.52
C3 PEG I . -10.38 41.74 12.59
C4 PEG I . -10.24 40.93 11.35
O4 PEG I . -9.37 39.81 11.51
C1 EDO J . 0.84 14.10 14.50
O1 EDO J . -0.47 14.61 14.59
C2 EDO J . 1.33 13.73 15.91
O2 EDO J . 1.10 14.78 16.82
#